data_9BL6
#
_entry.id   9BL6
#
_cell.length_a   52.188
_cell.length_b   62.549
_cell.length_c   66.896
_cell.angle_alpha   94.054
_cell.angle_beta   100.141
_cell.angle_gamma   109.680
#
_symmetry.space_group_name_H-M   'P 1'
#
loop_
_entity.id
_entity.type
_entity.pdbx_description
1 polymer 'MHC class I antigen'
2 polymer Beta-2-microglobulin
3 polymer 'Polymerase basic protein 2 peptide'
4 polymer 'Killer cell immunoglobulin-like receptor 3DL1'
5 non-polymer 2-acetamido-2-deoxy-beta-D-glucopyranose
6 water water
#
loop_
_entity_poly.entity_id
_entity_poly.type
_entity_poly.pdbx_seq_one_letter_code
_entity_poly.pdbx_strand_id
1 'polypeptide(L)'
;GSHSMRYFSTSVSRPGRGEPRFIAVGYVDDTQFVRFDSDAASQRMEPRAPWIEQEGPEYWDEETGKVKAHSQTDRENLRI
ALRYYNQSEAGSHTLQMMFGCDVGSDGRFLRGYHQYAYDGKDYIALKEDLRSWTAADMAAQITKRKWEAAHVAEQQRAYL
EGTCVDGLRRYLENGKETLQRTDPPKTHMTHHPISDHEATLRCWALGFYPAEITLTWQRDGEDQTQDTELVETRPAGDGT
FQKWAAVVVPSGEEQRYTCHVQHEGLPKPLTLRWEP
;
A
2 'polypeptide(L)'
;MIQRTPKIQVYSRHPAENGKSNFLNCYVSGFHPSDIEVDLLKNGERIEKVEHSDLSFSKDWSFYLLYYTEFTPTEKDEYA
CRVNHVTLSQPKIVKWDRDM
;
B
3 'polypeptide(L)' TYQWIIRNW C
4 'polypeptide(L)'
;HMGGQDKPFLSAWPSAVVPRGGHVTLRCHYRHRFNNFMLYKEDRIHVPIFHGRLFQESFNMSPVTTAHAGNYTCRGSHPH
SPTGWSAASNPVVIMVTGNHRKPSLLAHPGPLVKSGERVILQCWSDIMFEHFFLHKEGISKDPSRLVGQIHDGVSKANFS
IGPMMFALAGTYRCYGSVTHTPYQLSAPSDPLDIVVTGPYEKPSLSAQPGPKVQAGESVTLSCSSRSSYDMYHLSREGGA
HERRLPAVRKVNRTFQADFPLGPATHGGTYRCFGSFRHSPYEWSDPSDPLLVSVTGNPSHHHHHH
;
G
#
loop_
_chem_comp.id
_chem_comp.type
_chem_comp.name
_chem_comp.formula
NAG D-saccharide, beta linking 2-acetamido-2-deoxy-beta-D-glucopyranose 'C8 H15 N O6'
#
# COMPACT_ATOMS: atom_id res chain seq x y z
N GLY A 1 25.01 -13.29 -16.70
CA GLY A 1 25.51 -12.41 -15.66
C GLY A 1 24.65 -12.35 -14.41
N SER A 2 24.72 -11.24 -13.68
CA SER A 2 23.96 -11.12 -12.45
C SER A 2 22.48 -10.83 -12.74
N HIS A 3 21.61 -11.18 -11.79
CA HIS A 3 20.18 -10.98 -11.97
C HIS A 3 19.52 -10.63 -10.64
N SER A 4 18.27 -10.18 -10.72
CA SER A 4 17.57 -9.74 -9.52
C SER A 4 16.09 -10.02 -9.65
N MET A 5 15.46 -10.27 -8.50
CA MET A 5 14.02 -10.36 -8.42
C MET A 5 13.56 -9.33 -7.38
N ARG A 6 12.54 -8.55 -7.72
CA ARG A 6 12.02 -7.52 -6.84
C ARG A 6 10.51 -7.55 -6.86
N TYR A 7 9.90 -7.47 -5.68
CA TYR A 7 8.48 -7.15 -5.54
C TYR A 7 8.30 -5.74 -5.01
N PHE A 8 7.51 -4.89 -5.70
CA PHE A 8 7.21 -3.53 -5.28
C PHE A 8 5.74 -3.40 -4.95
N SER A 9 5.41 -2.83 -3.78
CA SER A 9 4.02 -2.65 -3.43
C SER A 9 3.76 -1.22 -2.99
N THR A 10 2.58 -0.68 -3.32
CA THR A 10 2.20 0.68 -2.95
C THR A 10 0.83 0.64 -2.26
N SER A 11 0.74 1.20 -1.06
CA SER A 11 -0.50 1.37 -0.33
C SER A 11 -0.82 2.85 -0.21
N VAL A 12 -2.07 3.21 -0.55
CA VAL A 12 -2.54 4.59 -0.64
C VAL A 12 -3.86 4.68 0.11
N SER A 13 -3.94 5.57 1.10
CA SER A 13 -5.20 5.91 1.71
C SER A 13 -5.82 7.07 0.97
N ARG A 14 -7.14 7.07 0.85
CA ARG A 14 -7.84 8.11 0.09
C ARG A 14 -9.18 8.35 0.76
N PRO A 15 -9.17 8.91 1.97
CA PRO A 15 -10.40 9.06 2.75
C PRO A 15 -11.48 9.77 1.95
N GLY A 16 -12.67 9.19 1.95
CA GLY A 16 -13.77 9.79 1.24
C GLY A 16 -13.79 9.52 -0.25
N ARG A 17 -12.73 8.92 -0.80
CA ARG A 17 -12.67 8.61 -2.23
C ARG A 17 -12.63 7.13 -2.53
N GLY A 18 -12.19 6.30 -1.62
CA GLY A 18 -12.22 4.87 -1.84
C GLY A 18 -11.68 4.20 -0.61
N GLU A 19 -11.82 2.88 -0.58
CA GLU A 19 -11.08 2.15 0.43
C GLU A 19 -9.58 2.22 0.09
N PRO A 20 -8.72 2.03 1.07
CA PRO A 20 -7.29 2.08 0.81
C PRO A 20 -6.91 1.12 -0.32
N ARG A 21 -6.00 1.54 -1.17
CA ARG A 21 -5.73 0.78 -2.38
C ARG A 21 -4.29 0.25 -2.29
N PHE A 22 -4.16 -1.01 -2.70
CA PHE A 22 -2.91 -1.74 -2.65
C PHE A 22 -2.60 -2.32 -4.02
N ILE A 23 -1.42 -1.98 -4.54
CA ILE A 23 -0.87 -2.45 -5.80
C ILE A 23 0.52 -3.04 -5.54
N ALA A 24 0.73 -4.28 -6.01
CA ALA A 24 2.00 -5.00 -5.96
C ALA A 24 2.40 -5.46 -7.37
N VAL A 25 3.70 -5.41 -7.68
CA VAL A 25 4.25 -5.85 -8.97
C VAL A 25 5.53 -6.61 -8.71
N GLY A 26 5.77 -7.64 -9.50
CA GLY A 26 6.96 -8.45 -9.40
C GLY A 26 7.77 -8.23 -10.67
N TYR A 27 9.08 -8.10 -10.50
CA TYR A 27 9.98 -7.89 -11.61
C TYR A 27 11.07 -8.95 -11.54
N VAL A 28 11.51 -9.43 -12.70
CA VAL A 28 12.84 -10.00 -12.87
C VAL A 28 13.62 -9.05 -13.75
N ASP A 29 14.73 -8.52 -13.25
CA ASP A 29 15.51 -7.50 -13.97
C ASP A 29 14.52 -6.39 -14.36
N ASP A 30 14.44 -5.98 -15.62
CA ASP A 30 13.57 -4.92 -16.08
C ASP A 30 12.21 -5.43 -16.61
N THR A 31 11.86 -6.68 -16.29
CA THR A 31 10.78 -7.41 -16.92
C THR A 31 9.77 -7.72 -15.85
N GLN A 32 8.60 -7.10 -15.94
CA GLN A 32 7.53 -7.32 -14.98
C GLN A 32 6.93 -8.67 -15.24
N PHE A 33 6.56 -9.42 -14.20
CA PHE A 33 5.94 -10.70 -14.49
C PHE A 33 4.63 -11.03 -13.74
N VAL A 34 4.27 -10.32 -12.65
CA VAL A 34 2.98 -10.48 -11.95
C VAL A 34 2.54 -9.13 -11.44
N ARG A 35 1.24 -9.03 -11.13
CA ARG A 35 0.65 -7.88 -10.46
C ARG A 35 -0.49 -8.40 -9.59
N PHE A 36 -0.81 -7.62 -8.57
CA PHE A 36 -2.03 -7.75 -7.81
C PHE A 36 -2.49 -6.32 -7.58
N ASP A 37 -3.76 -6.07 -7.77
CA ASP A 37 -4.32 -4.75 -7.58
C ASP A 37 -5.60 -4.95 -6.80
N SER A 38 -5.70 -4.32 -5.63
CA SER A 38 -6.87 -4.49 -4.72
C SER A 38 -8.18 -4.06 -5.37
N ASP A 39 -8.15 -2.95 -6.13
CA ASP A 39 -9.39 -2.39 -6.70
C ASP A 39 -9.90 -3.23 -7.88
N ALA A 40 -9.10 -4.15 -8.40
CA ALA A 40 -9.49 -4.95 -9.58
C ALA A 40 -10.46 -6.07 -9.18
N ALA A 41 -11.13 -6.68 -10.16
CA ALA A 41 -12.19 -7.68 -9.86
C ALA A 41 -11.65 -9.05 -9.51
N SER A 42 -10.51 -9.43 -10.09
CA SER A 42 -9.90 -10.77 -9.84
C SER A 42 -9.63 -10.93 -8.35
N GLN A 43 -9.11 -9.89 -7.70
CA GLN A 43 -8.75 -9.97 -6.26
C GLN A 43 -7.73 -11.11 -6.10
N ARG A 44 -6.89 -11.31 -7.10
CA ARG A 44 -5.88 -12.40 -7.06
C ARG A 44 -4.61 -11.95 -7.80
N MET A 45 -3.57 -12.79 -7.79
CA MET A 45 -2.29 -12.44 -8.46
C MET A 45 -2.42 -12.86 -9.92
N GLU A 46 -2.07 -11.96 -10.83
CA GLU A 46 -2.24 -12.27 -12.24
C GLU A 46 -0.90 -12.31 -12.96
N PRO A 47 -0.76 -13.18 -13.95
CA PRO A 47 0.48 -13.18 -14.75
C PRO A 47 0.54 -11.95 -15.65
N ARG A 48 1.74 -11.39 -15.79
CA ARG A 48 1.97 -10.27 -16.72
C ARG A 48 3.12 -10.51 -17.67
N ALA A 49 3.62 -11.76 -17.76
CA ALA A 49 4.61 -12.15 -18.74
C ALA A 49 4.24 -13.53 -19.27
N PRO A 50 4.44 -13.77 -20.57
CA PRO A 50 4.08 -15.08 -21.12
C PRO A 50 4.74 -16.27 -20.41
N TRP A 51 6.00 -16.14 -19.97
CA TRP A 51 6.69 -17.33 -19.49
C TRP A 51 6.27 -17.78 -18.09
N ILE A 52 5.61 -16.94 -17.30
CA ILE A 52 5.05 -17.38 -16.02
C ILE A 52 3.64 -17.95 -16.18
N GLU A 53 3.05 -17.84 -17.36
CA GLU A 53 1.65 -18.19 -17.51
C GLU A 53 1.42 -19.69 -17.36
N GLN A 54 2.46 -20.51 -17.41
CA GLN A 54 2.31 -21.96 -17.31
C GLN A 54 2.61 -22.50 -15.92
N GLU A 55 2.77 -21.62 -14.93
CA GLU A 55 2.74 -22.07 -13.56
C GLU A 55 1.35 -22.64 -13.28
N GLY A 56 1.30 -23.75 -12.56
CA GLY A 56 0.05 -24.44 -12.25
C GLY A 56 -0.94 -23.64 -11.40
N PRO A 57 -2.15 -24.17 -11.20
CA PRO A 57 -3.10 -23.42 -10.38
C PRO A 57 -2.67 -23.25 -8.93
N GLU A 58 -1.95 -24.23 -8.36
CA GLU A 58 -1.55 -24.11 -6.97
C GLU A 58 -0.58 -22.95 -6.75
N TYR A 59 0.27 -22.67 -7.76
CA TYR A 59 1.13 -21.49 -7.69
C TYR A 59 0.30 -20.23 -7.50
N TRP A 60 -0.67 -20.00 -8.37
CA TRP A 60 -1.47 -18.78 -8.29
C TRP A 60 -2.27 -18.71 -7.01
N ASP A 61 -2.79 -19.86 -6.54
CA ASP A 61 -3.47 -19.88 -5.26
C ASP A 61 -2.49 -19.50 -4.15
N GLU A 62 -1.29 -20.07 -4.17
CA GLU A 62 -0.32 -19.75 -3.11
C GLU A 62 0.05 -18.29 -3.17
N GLU A 63 0.42 -17.80 -4.36
CA GLU A 63 0.85 -16.41 -4.46
C GLU A 63 -0.26 -15.44 -4.11
N THR A 64 -1.51 -15.70 -4.56
CA THR A 64 -2.64 -14.84 -4.20
C THR A 64 -2.83 -14.78 -2.70
N GLY A 65 -2.81 -15.92 -2.03
CA GLY A 65 -2.91 -15.92 -0.58
C GLY A 65 -1.88 -15.00 0.08
N LYS A 66 -0.61 -15.08 -0.34
CA LYS A 66 0.44 -14.26 0.28
C LYS A 66 0.27 -12.77 -0.02
N VAL A 67 -0.01 -12.40 -1.28
CA VAL A 67 -0.11 -10.97 -1.57
C VAL A 67 -1.41 -10.39 -0.94
N LYS A 68 -2.47 -11.19 -0.82
CA LYS A 68 -3.62 -10.67 -0.11
C LYS A 68 -3.28 -10.43 1.36
N ALA A 69 -2.50 -11.34 1.96
CA ALA A 69 -2.03 -11.15 3.33
C ALA A 69 -1.23 -9.86 3.47
N HIS A 70 -0.38 -9.60 2.50
CA HIS A 70 0.41 -8.38 2.52
C HIS A 70 -0.49 -7.15 2.47
N SER A 71 -1.46 -7.17 1.56
CA SER A 71 -2.45 -6.11 1.46
C SER A 71 -3.05 -5.75 2.83
N GLN A 72 -3.49 -6.76 3.59
CA GLN A 72 -4.08 -6.46 4.89
C GLN A 72 -3.05 -5.85 5.82
N THR A 73 -1.83 -6.40 5.84
CA THR A 73 -0.79 -5.91 6.73
C THR A 73 -0.47 -4.44 6.43
N ASP A 74 -0.26 -4.10 5.15
CA ASP A 74 0.11 -2.73 4.84
C ASP A 74 -1.04 -1.75 5.00
N ARG A 75 -2.29 -2.20 4.89
CA ARG A 75 -3.37 -1.26 5.19
C ARG A 75 -3.48 -0.97 6.70
N GLU A 76 -3.21 -1.93 7.57
CA GLU A 76 -3.08 -1.61 9.00
C GLU A 76 -1.87 -0.72 9.29
N ASN A 77 -0.74 -0.94 8.60
CA ASN A 77 0.42 -0.09 8.83
C ASN A 77 0.13 1.38 8.49
N LEU A 78 -0.71 1.66 7.48
CA LEU A 78 -1.20 3.02 7.28
C LEU A 78 -1.86 3.57 8.56
N ARG A 79 -2.71 2.76 9.19
CA ARG A 79 -3.41 3.22 10.39
C ARG A 79 -2.40 3.49 11.49
N ILE A 80 -1.50 2.52 11.72
CA ILE A 80 -0.42 2.70 12.69
C ILE A 80 0.35 3.97 12.38
N ALA A 81 0.66 4.20 11.10
CA ALA A 81 1.45 5.36 10.72
C ALA A 81 0.79 6.64 11.19
N LEU A 82 -0.54 6.74 11.06
CA LEU A 82 -1.26 7.90 11.59
C LEU A 82 -0.95 8.12 13.07
N ARG A 83 -0.83 7.04 13.85
CA ARG A 83 -0.54 7.23 15.27
C ARG A 83 0.90 7.65 15.49
N TYR A 84 1.84 6.95 14.86
CA TYR A 84 3.25 7.29 15.03
C TYR A 84 3.52 8.74 14.63
N TYR A 85 2.96 9.20 13.52
CA TYR A 85 3.26 10.57 13.11
C TYR A 85 2.25 11.58 13.60
N ASN A 86 1.24 11.14 14.37
CA ASN A 86 0.18 12.00 14.88
C ASN A 86 -0.41 12.85 13.74
N GLN A 87 -0.90 12.15 12.71
CA GLN A 87 -1.55 12.72 11.54
C GLN A 87 -3.06 12.42 11.54
N SER A 88 -3.83 13.29 10.88
CA SER A 88 -5.27 13.16 10.94
C SER A 88 -5.76 12.14 9.93
N GLU A 89 -6.95 11.62 10.17
CA GLU A 89 -7.51 10.58 9.34
C GLU A 89 -8.11 11.11 8.04
N ALA A 90 -8.05 12.42 7.80
CA ALA A 90 -8.57 12.98 6.56
C ALA A 90 -7.54 12.98 5.43
N GLY A 91 -6.23 12.87 5.73
CA GLY A 91 -5.21 13.02 4.70
C GLY A 91 -4.95 11.72 3.94
N SER A 92 -4.34 11.85 2.77
CA SER A 92 -3.94 10.70 1.96
C SER A 92 -2.47 10.41 2.15
N HIS A 93 -2.17 9.14 2.31
CA HIS A 93 -0.79 8.79 2.60
C HIS A 93 -0.40 7.57 1.80
N THR A 94 0.90 7.39 1.71
CA THR A 94 1.47 6.38 0.85
C THR A 94 2.43 5.54 1.66
N LEU A 95 2.34 4.24 1.52
CA LEU A 95 3.19 3.31 2.23
C LEU A 95 3.75 2.38 1.17
N GLN A 96 5.07 2.39 0.99
CA GLN A 96 5.65 1.62 -0.11
C GLN A 96 6.58 0.58 0.47
N MET A 97 6.65 -0.58 -0.18
CA MET A 97 7.53 -1.63 0.26
C MET A 97 8.25 -2.23 -0.94
N MET A 98 9.49 -2.64 -0.71
CA MET A 98 10.23 -3.40 -1.69
C MET A 98 10.92 -4.57 -0.98
N PHE A 99 10.85 -5.78 -1.55
CA PHE A 99 11.70 -6.87 -1.09
C PHE A 99 12.15 -7.70 -2.28
N GLY A 100 13.24 -8.44 -2.10
CA GLY A 100 13.73 -9.30 -3.15
C GLY A 100 15.21 -9.62 -2.97
N CYS A 101 15.80 -10.15 -4.04
CA CYS A 101 17.15 -10.66 -3.91
C CYS A 101 17.87 -10.54 -5.25
N ASP A 102 19.21 -10.56 -5.17
CA ASP A 102 20.07 -10.69 -6.34
C ASP A 102 20.84 -12.01 -6.29
N VAL A 103 21.12 -12.56 -7.47
CA VAL A 103 22.03 -13.68 -7.60
C VAL A 103 23.07 -13.26 -8.62
N GLY A 104 24.25 -13.91 -8.54
CA GLY A 104 25.29 -13.72 -9.53
C GLY A 104 25.11 -14.66 -10.72
N SER A 105 26.07 -14.62 -11.63
CA SER A 105 26.02 -15.47 -12.82
C SER A 105 25.89 -16.94 -12.46
N ASP A 106 26.47 -17.36 -11.34
CA ASP A 106 26.45 -18.76 -10.90
C ASP A 106 25.17 -19.15 -10.18
N GLY A 107 24.21 -18.25 -10.08
CA GLY A 107 22.98 -18.52 -9.38
C GLY A 107 23.07 -18.44 -7.87
N ARG A 108 24.22 -18.07 -7.31
CA ARG A 108 24.34 -17.93 -5.88
C ARG A 108 23.82 -16.60 -5.40
N PHE A 109 23.28 -16.60 -4.19
CA PHE A 109 22.79 -15.40 -3.52
C PHE A 109 23.89 -14.36 -3.43
N LEU A 110 23.55 -13.11 -3.75
CA LEU A 110 24.45 -11.97 -3.67
C LEU A 110 23.97 -10.93 -2.66
N ARG A 111 22.67 -10.59 -2.68
CA ARG A 111 22.09 -9.54 -1.85
C ARG A 111 20.59 -9.80 -1.65
N GLY A 112 20.06 -9.33 -0.52
CA GLY A 112 18.64 -9.34 -0.31
C GLY A 112 18.17 -8.03 0.28
N TYR A 113 16.90 -7.69 -0.01
CA TYR A 113 16.35 -6.40 0.44
C TYR A 113 14.95 -6.59 1.03
N HIS A 114 14.57 -5.74 1.98
CA HIS A 114 13.24 -5.77 2.63
C HIS A 114 13.06 -4.40 3.25
N GLN A 115 12.58 -3.43 2.47
CA GLN A 115 12.53 -2.04 2.98
C GLN A 115 11.15 -1.41 2.86
N TYR A 116 10.93 -0.32 3.58
CA TYR A 116 9.65 0.36 3.59
C TYR A 116 9.90 1.85 3.43
N ALA A 117 8.95 2.53 2.76
CA ALA A 117 8.93 3.99 2.76
C ALA A 117 7.57 4.46 3.22
N TYR A 118 7.55 5.65 3.82
CA TYR A 118 6.27 6.28 4.19
C TYR A 118 6.30 7.72 3.68
N ASP A 119 5.39 8.06 2.78
CA ASP A 119 5.29 9.44 2.21
C ASP A 119 6.54 9.75 1.37
N GLY A 120 7.06 8.77 0.64
CA GLY A 120 8.19 9.00 -0.28
C GLY A 120 9.54 9.09 0.41
N LYS A 121 9.60 8.74 1.68
CA LYS A 121 10.85 8.85 2.44
C LYS A 121 11.10 7.49 3.09
N ASP A 122 12.37 7.09 3.14
CA ASP A 122 12.80 5.88 3.85
C ASP A 122 12.17 5.77 5.21
N TYR A 123 11.72 4.56 5.55
CA TYR A 123 11.16 4.33 6.88
C TYR A 123 12.02 3.33 7.64
N ILE A 124 12.08 2.07 7.22
CA ILE A 124 12.95 1.09 7.86
C ILE A 124 13.46 0.10 6.81
N ALA A 125 14.68 -0.38 7.00
CA ALA A 125 15.25 -1.28 6.02
C ALA A 125 16.12 -2.37 6.66
N LEU A 126 16.02 -3.58 6.12
CA LEU A 126 16.88 -4.66 6.57
C LEU A 126 18.32 -4.43 6.08
N LYS A 127 19.29 -4.52 6.99
CA LYS A 127 20.68 -4.24 6.61
C LYS A 127 21.25 -5.39 5.81
N GLU A 128 22.36 -5.12 5.12
CA GLU A 128 23.03 -6.09 4.29
C GLU A 128 23.23 -7.44 4.99
N ASP A 129 23.56 -7.42 6.28
CA ASP A 129 23.78 -8.64 7.03
C ASP A 129 22.52 -9.49 7.22
N LEU A 130 21.35 -9.00 6.81
CA LEU A 130 20.03 -9.65 6.97
C LEU A 130 19.75 -10.00 8.43
N ARG A 131 20.31 -9.22 9.37
CA ARG A 131 20.14 -9.53 10.78
C ARG A 131 19.71 -8.34 11.60
N SER A 132 19.85 -7.12 11.08
CA SER A 132 19.60 -5.88 11.82
C SER A 132 18.86 -4.89 10.93
N TRP A 133 18.32 -3.82 11.55
CA TRP A 133 17.46 -2.87 10.84
C TRP A 133 17.96 -1.44 10.88
N THR A 134 17.74 -0.73 9.80
CA THR A 134 18.01 0.70 9.73
C THR A 134 16.71 1.47 9.83
N ALA A 135 16.57 2.26 10.88
CA ALA A 135 15.37 3.06 11.07
C ALA A 135 15.66 4.51 10.70
N ALA A 136 14.79 5.12 9.86
CA ALA A 136 15.13 6.42 9.29
C ALA A 136 14.69 7.63 10.13
N ASP A 137 13.81 7.45 11.12
CA ASP A 137 13.31 8.54 11.97
C ASP A 137 12.78 7.94 13.27
N MET A 138 12.23 8.79 14.14
CA MET A 138 11.82 8.31 15.46
C MET A 138 10.63 7.36 15.41
N ALA A 139 9.74 7.50 14.42
CA ALA A 139 8.63 6.56 14.28
C ALA A 139 9.13 5.16 13.96
N ALA A 140 9.99 5.04 12.95
CA ALA A 140 10.60 3.76 12.63
C ALA A 140 11.43 3.20 13.80
N GLN A 141 11.94 4.05 14.67
CA GLN A 141 12.63 3.50 15.83
C GLN A 141 11.69 2.64 16.66
N ILE A 142 10.41 3.00 16.69
CA ILE A 142 9.41 2.16 17.37
C ILE A 142 9.28 0.82 16.67
N THR A 143 9.05 0.85 15.36
CA THR A 143 8.92 -0.39 14.60
C THR A 143 10.15 -1.24 14.80
N LYS A 144 11.32 -0.61 14.76
CA LYS A 144 12.59 -1.30 14.96
C LYS A 144 12.58 -2.03 16.30
N ARG A 145 12.21 -1.32 17.37
CA ARG A 145 12.14 -1.96 18.68
C ARG A 145 11.19 -3.16 18.64
N LYS A 146 9.99 -2.99 18.05
CA LYS A 146 9.05 -4.12 17.95
C LYS A 146 9.67 -5.31 17.23
N TRP A 147 10.25 -5.05 16.07
CA TRP A 147 10.79 -6.11 15.24
C TRP A 147 12.03 -6.75 15.88
N GLU A 148 12.77 -6.00 16.68
CA GLU A 148 13.82 -6.67 17.40
C GLU A 148 13.21 -7.56 18.45
N ALA A 149 12.22 -7.06 19.18
CA ALA A 149 11.57 -7.87 20.21
C ALA A 149 10.89 -9.10 19.61
N ALA A 150 10.50 -9.05 18.34
CA ALA A 150 9.91 -10.22 17.73
C ALA A 150 10.93 -11.13 17.05
N HIS A 151 12.19 -10.71 16.96
CA HIS A 151 13.22 -11.49 16.25
C HIS A 151 12.83 -11.82 14.81
N VAL A 152 12.20 -10.85 14.15
CA VAL A 152 11.65 -11.09 12.83
C VAL A 152 12.71 -11.14 11.71
N ALA A 153 13.91 -10.56 11.92
CA ALA A 153 14.91 -10.60 10.86
C ALA A 153 15.25 -12.03 10.46
N GLU A 154 15.11 -12.96 11.40
CA GLU A 154 15.29 -14.38 11.11
C GLU A 154 14.39 -14.84 9.98
N GLN A 155 13.09 -14.45 10.00
CA GLN A 155 12.17 -14.87 8.95
C GLN A 155 12.52 -14.25 7.60
N GLN A 156 12.90 -12.97 7.61
CA GLN A 156 13.37 -12.33 6.39
C GLN A 156 14.60 -13.04 5.84
N ARG A 157 15.56 -13.37 6.71
CA ARG A 157 16.78 -14.02 6.23
C ARG A 157 16.47 -15.38 5.58
N ALA A 158 15.60 -16.18 6.21
CA ALA A 158 15.25 -17.49 5.65
C ALA A 158 14.54 -17.33 4.28
N TYR A 159 13.73 -16.29 4.14
CA TYR A 159 13.07 -16.11 2.85
C TYR A 159 14.08 -15.65 1.80
N LEU A 160 14.87 -14.64 2.13
CA LEU A 160 15.81 -14.10 1.16
C LEU A 160 16.84 -15.15 0.74
N GLU A 161 17.36 -15.93 1.68
CA GLU A 161 18.39 -16.89 1.31
C GLU A 161 17.82 -18.13 0.65
N GLY A 162 16.61 -18.52 1.02
CA GLY A 162 16.03 -19.73 0.49
C GLY A 162 14.97 -19.47 -0.57
N THR A 163 13.76 -19.13 -0.12
CA THR A 163 12.63 -19.03 -1.04
C THR A 163 12.89 -18.08 -2.21
N CYS A 164 13.39 -16.86 -1.94
CA CYS A 164 13.57 -15.84 -2.98
C CYS A 164 14.57 -16.25 -4.07
N VAL A 165 15.75 -16.72 -3.66
CA VAL A 165 16.75 -17.12 -4.66
C VAL A 165 16.27 -18.33 -5.44
N ASP A 166 15.60 -19.27 -4.77
CA ASP A 166 15.10 -20.45 -5.45
C ASP A 166 14.13 -20.06 -6.54
N GLY A 167 13.28 -19.08 -6.26
CA GLY A 167 12.32 -18.62 -7.25
C GLY A 167 12.99 -17.92 -8.42
N LEU A 168 13.91 -16.99 -8.12
CA LEU A 168 14.64 -16.28 -9.16
C LEU A 168 15.28 -17.27 -10.12
N ARG A 169 15.98 -18.28 -9.60
CA ARG A 169 16.58 -19.26 -10.49
C ARG A 169 15.55 -19.97 -11.35
N ARG A 170 14.40 -20.33 -10.77
CA ARG A 170 13.38 -21.00 -11.58
C ARG A 170 12.89 -20.11 -12.70
N TYR A 171 12.68 -18.83 -12.41
CA TYR A 171 12.18 -17.93 -13.45
C TYR A 171 13.20 -17.71 -14.55
N LEU A 172 14.48 -17.59 -14.20
CA LEU A 172 15.53 -17.43 -15.21
C LEU A 172 15.48 -18.55 -16.25
N GLU A 173 15.21 -19.78 -15.81
CA GLU A 173 15.05 -20.87 -16.77
C GLU A 173 13.72 -20.79 -17.52
N ASN A 174 12.61 -20.58 -16.81
CA ASN A 174 11.30 -20.45 -17.46
C ASN A 174 11.29 -19.41 -18.58
N GLY A 175 11.86 -18.24 -18.34
CA GLY A 175 11.85 -17.15 -19.31
C GLY A 175 13.21 -16.93 -19.96
N LYS A 176 13.96 -18.01 -20.15
CA LYS A 176 15.35 -17.86 -20.56
C LYS A 176 15.47 -17.04 -21.84
N GLU A 177 14.73 -17.42 -22.89
CA GLU A 177 14.84 -16.68 -24.15
C GLU A 177 14.48 -15.22 -23.99
N THR A 178 13.79 -14.86 -22.92
CA THR A 178 13.41 -13.47 -22.72
C THR A 178 14.14 -12.79 -21.58
N LEU A 179 14.45 -13.49 -20.51
CA LEU A 179 15.13 -12.83 -19.39
C LEU A 179 16.63 -12.76 -19.64
N GLN A 180 17.23 -13.80 -20.20
CA GLN A 180 18.67 -13.85 -20.46
C GLN A 180 19.01 -13.47 -21.89
N ARG A 181 18.10 -12.77 -22.57
CA ARG A 181 18.33 -12.23 -23.88
C ARG A 181 19.16 -10.95 -23.79
N THR A 182 19.55 -10.42 -24.94
CA THR A 182 20.39 -9.22 -24.92
C THR A 182 20.29 -8.48 -26.27
N ASP A 183 19.30 -7.59 -26.38
CA ASP A 183 19.03 -6.88 -27.61
C ASP A 183 19.88 -5.61 -27.73
N PRO A 184 20.68 -5.45 -28.78
CA PRO A 184 21.59 -4.31 -28.87
C PRO A 184 20.81 -3.10 -29.34
N PRO A 185 21.29 -1.89 -29.08
CA PRO A 185 20.55 -0.71 -29.54
C PRO A 185 20.71 -0.54 -31.03
N LYS A 186 19.63 -0.09 -31.68
CA LYS A 186 19.74 0.40 -33.05
C LYS A 186 20.00 1.89 -32.92
N THR A 187 21.08 2.36 -33.53
CA THR A 187 21.51 3.72 -33.28
C THR A 187 21.43 4.58 -34.55
N HIS A 188 21.25 5.89 -34.33
CA HIS A 188 21.35 6.91 -35.38
C HIS A 188 21.50 8.27 -34.70
N MET A 189 21.65 9.32 -35.51
CA MET A 189 21.82 10.68 -35.05
C MET A 189 20.93 11.64 -35.81
N THR A 190 20.35 12.60 -35.09
CA THR A 190 19.66 13.72 -35.71
C THR A 190 20.48 14.98 -35.51
N HIS A 191 20.19 15.98 -36.35
CA HIS A 191 20.84 17.27 -36.36
C HIS A 191 19.75 18.31 -36.56
N HIS A 192 19.75 19.36 -35.72
CA HIS A 192 18.81 20.48 -35.87
C HIS A 192 19.54 21.75 -35.48
N PRO A 193 19.45 22.80 -36.30
CA PRO A 193 20.16 24.00 -35.90
C PRO A 193 19.24 24.85 -34.99
N ILE A 194 19.85 25.35 -33.92
CA ILE A 194 19.23 26.25 -32.94
C ILE A 194 19.35 27.70 -33.37
N SER A 195 20.51 28.15 -33.85
CA SER A 195 20.65 29.55 -34.22
C SER A 195 21.58 29.65 -35.43
N ASP A 196 21.93 30.87 -35.81
CA ASP A 196 22.91 31.05 -36.89
C ASP A 196 24.33 30.61 -36.54
N HIS A 197 24.61 30.28 -35.28
CA HIS A 197 25.98 29.97 -34.87
C HIS A 197 26.06 28.71 -34.02
N GLU A 198 24.94 28.03 -33.79
CA GLU A 198 24.93 26.83 -32.99
C GLU A 198 23.94 25.85 -33.60
N ALA A 199 24.08 24.57 -33.23
CA ALA A 199 23.20 23.53 -33.73
C ALA A 199 23.15 22.39 -32.72
N THR A 200 22.07 21.61 -32.78
CA THR A 200 21.87 20.48 -31.88
C THR A 200 22.11 19.14 -32.58
N LEU A 201 23.04 18.38 -32.03
CA LEU A 201 23.31 16.99 -32.40
C LEU A 201 22.71 16.08 -31.34
N ARG A 202 21.82 15.19 -31.75
CA ARG A 202 21.17 14.25 -30.85
C ARG A 202 21.53 12.83 -31.26
N CYS A 203 22.11 12.10 -30.34
CA CYS A 203 22.47 10.71 -30.57
C CYS A 203 21.40 9.80 -29.98
N TRP A 204 20.91 8.84 -30.77
CA TRP A 204 19.72 8.03 -30.44
C TRP A 204 20.04 6.55 -30.26
N ALA A 205 19.39 5.92 -29.29
CA ALA A 205 19.49 4.49 -29.07
C ALA A 205 18.11 3.90 -28.86
N LEU A 206 17.75 2.90 -29.67
CA LEU A 206 16.40 2.38 -29.68
C LEU A 206 16.45 0.87 -29.71
N GLY A 207 15.42 0.23 -29.13
CA GLY A 207 15.18 -1.18 -29.25
C GLY A 207 16.05 -2.10 -28.41
N PHE A 208 16.63 -1.64 -27.32
CA PHE A 208 17.60 -2.42 -26.59
C PHE A 208 17.03 -2.97 -25.27
N TYR A 209 17.60 -4.10 -24.85
CA TYR A 209 17.35 -4.81 -23.63
C TYR A 209 18.66 -5.43 -23.20
N PRO A 210 19.04 -5.31 -21.92
CA PRO A 210 18.34 -4.68 -20.78
C PRO A 210 18.40 -3.15 -20.79
N ALA A 211 17.83 -2.52 -19.77
CA ALA A 211 17.69 -1.06 -19.75
C ALA A 211 18.97 -0.29 -19.44
N GLU A 212 19.95 -0.94 -18.83
CA GLU A 212 21.23 -0.32 -18.54
C GLU A 212 21.95 0.03 -19.85
N ILE A 213 22.51 1.25 -19.94
CA ILE A 213 23.19 1.71 -21.16
C ILE A 213 23.97 2.98 -20.86
N THR A 214 25.06 3.24 -21.62
CA THR A 214 25.79 4.50 -21.54
C THR A 214 25.86 5.19 -22.90
N LEU A 215 25.25 6.38 -22.98
CA LEU A 215 25.44 7.33 -24.07
C LEU A 215 26.31 8.49 -23.61
N THR A 216 27.37 8.76 -24.34
CA THR A 216 28.24 9.85 -23.97
C THR A 216 28.72 10.52 -25.25
N TRP A 217 28.89 11.84 -25.14
CA TRP A 217 29.34 12.67 -26.23
C TRP A 217 30.75 13.10 -25.90
N GLN A 218 31.63 13.02 -26.88
CA GLN A 218 32.98 13.49 -26.69
C GLN A 218 33.23 14.50 -27.78
N ARG A 219 33.90 15.60 -27.45
CA ARG A 219 34.33 16.54 -28.46
C ARG A 219 35.82 16.44 -28.45
N ASP A 220 36.37 15.84 -29.50
CA ASP A 220 37.80 15.61 -29.58
C ASP A 220 38.28 14.81 -28.36
N GLY A 221 37.54 13.76 -28.01
CA GLY A 221 38.00 12.89 -26.93
C GLY A 221 37.51 13.18 -25.52
N GLU A 222 37.42 14.45 -25.16
CA GLU A 222 37.00 14.88 -23.81
C GLU A 222 35.49 14.95 -23.75
N ASP A 223 34.86 14.22 -22.81
CA ASP A 223 33.40 14.14 -22.85
C ASP A 223 32.84 15.48 -22.40
N GLN A 224 32.03 16.10 -23.25
CA GLN A 224 31.45 17.41 -22.94
C GLN A 224 30.15 17.22 -22.16
N THR A 225 30.30 16.78 -20.92
CA THR A 225 29.14 16.52 -20.06
C THR A 225 28.32 17.79 -19.88
N THR A 228 25.73 19.06 -22.11
CA THR A 228 25.11 17.82 -22.53
C THR A 228 23.66 17.76 -22.04
N GLU A 229 22.78 17.04 -22.75
CA GLU A 229 21.44 16.70 -22.25
C GLU A 229 21.14 15.21 -22.34
N LEU A 230 20.99 14.57 -21.19
CA LEU A 230 20.56 13.17 -21.13
C LEU A 230 19.10 13.06 -20.71
N VAL A 231 18.35 12.18 -21.37
CA VAL A 231 16.96 11.89 -21.00
C VAL A 231 16.95 10.55 -20.32
N GLU A 232 16.06 10.41 -19.33
CA GLU A 232 15.87 9.15 -18.63
C GLU A 232 15.50 8.06 -19.63
N THR A 233 16.06 6.87 -19.42
CA THR A 233 15.79 5.74 -20.28
C THR A 233 14.31 5.39 -20.18
N ARG A 234 13.68 5.19 -21.32
CA ARG A 234 12.24 5.03 -21.32
C ARG A 234 11.85 3.69 -21.94
N PRO A 235 10.73 3.10 -21.49
CA PRO A 235 10.23 1.87 -22.10
C PRO A 235 9.54 2.16 -23.43
N ALA A 236 9.90 1.37 -24.45
CA ALA A 236 9.19 1.45 -25.71
C ALA A 236 7.79 0.84 -25.62
N GLY A 237 7.58 -0.11 -24.69
CA GLY A 237 6.30 -0.74 -24.53
C GLY A 237 6.28 -2.18 -25.01
N ASP A 238 7.34 -2.62 -25.71
CA ASP A 238 7.43 -3.99 -26.21
C ASP A 238 8.44 -4.81 -25.42
N GLY A 239 8.99 -4.27 -24.34
CA GLY A 239 10.06 -4.91 -23.62
C GLY A 239 11.45 -4.41 -23.96
N THR A 240 11.56 -3.42 -24.83
CA THR A 240 12.83 -2.77 -25.08
C THR A 240 12.79 -1.34 -24.56
N PHE A 241 13.94 -0.69 -24.59
CA PHE A 241 14.06 0.64 -24.02
C PHE A 241 14.69 1.58 -25.03
N GLN A 242 14.64 2.87 -24.72
CA GLN A 242 15.11 3.92 -25.61
C GLN A 242 15.77 5.01 -24.78
N LYS A 243 16.70 5.73 -25.39
CA LYS A 243 17.39 6.82 -24.73
C LYS A 243 18.02 7.71 -25.80
N TRP A 244 18.19 8.99 -25.47
CA TRP A 244 18.99 9.86 -26.30
C TRP A 244 19.78 10.85 -25.46
N ALA A 245 20.83 11.35 -26.08
CA ALA A 245 21.72 12.37 -25.54
C ALA A 245 21.92 13.44 -26.60
N ALA A 246 21.81 14.71 -26.20
CA ALA A 246 22.01 15.82 -27.14
C ALA A 246 23.06 16.78 -26.62
N VAL A 247 23.73 17.45 -27.56
CA VAL A 247 24.73 18.47 -27.29
C VAL A 247 24.54 19.65 -28.25
N VAL A 248 24.89 20.83 -27.78
CA VAL A 248 24.84 22.06 -28.56
C VAL A 248 26.26 22.30 -29.09
N VAL A 249 26.40 22.44 -30.41
CA VAL A 249 27.73 22.52 -31.01
C VAL A 249 27.90 23.76 -31.89
N PRO A 250 29.09 24.34 -31.89
CA PRO A 250 29.40 25.45 -32.80
C PRO A 250 29.32 25.03 -34.26
N SER A 251 28.60 25.82 -35.06
CA SER A 251 28.44 25.48 -36.47
C SER A 251 29.80 25.35 -37.15
N GLY A 252 29.96 24.27 -37.91
CA GLY A 252 31.23 23.95 -38.50
C GLY A 252 32.10 23.04 -37.67
N GLU A 253 31.61 22.54 -36.55
CA GLU A 253 32.38 21.67 -35.69
C GLU A 253 31.73 20.29 -35.48
N GLU A 254 30.69 19.94 -36.22
CA GLU A 254 30.01 18.68 -35.91
C GLU A 254 30.95 17.49 -36.01
N GLN A 255 31.98 17.60 -36.84
CA GLN A 255 32.89 16.47 -37.00
C GLN A 255 33.79 16.24 -35.79
N ARG A 256 34.05 17.28 -34.98
CA ARG A 256 34.86 17.08 -33.79
C ARG A 256 34.11 16.25 -32.75
N TYR A 257 32.77 16.20 -32.81
CA TYR A 257 31.95 15.56 -31.79
C TYR A 257 31.59 14.13 -32.22
N THR A 258 31.68 13.22 -31.26
CA THR A 258 31.39 11.81 -31.44
C THR A 258 30.53 11.30 -30.28
N CYS A 259 29.51 10.54 -30.62
CA CYS A 259 28.67 9.88 -29.63
C CYS A 259 29.15 8.45 -29.37
N HIS A 260 29.21 8.07 -28.08
CA HIS A 260 29.73 6.78 -27.68
C HIS A 260 28.63 5.99 -27.00
N VAL A 261 28.44 4.75 -27.44
CA VAL A 261 27.36 3.87 -26.96
C VAL A 261 27.98 2.64 -26.31
N GLN A 262 27.67 2.39 -25.03
CA GLN A 262 28.14 1.19 -24.36
C GLN A 262 26.92 0.38 -23.94
N HIS A 263 26.87 -0.89 -24.34
CA HIS A 263 25.74 -1.73 -23.96
C HIS A 263 26.15 -3.18 -24.03
N GLU A 264 25.56 -4.00 -23.15
CA GLU A 264 25.93 -5.42 -23.11
C GLU A 264 25.57 -6.15 -24.39
N GLY A 265 24.62 -5.64 -25.17
CA GLY A 265 24.25 -6.24 -26.44
C GLY A 265 25.21 -5.97 -27.58
N LEU A 266 26.10 -5.03 -27.39
CA LEU A 266 27.08 -4.63 -28.37
C LEU A 266 28.37 -5.41 -28.17
N PRO A 267 28.88 -6.07 -29.21
CA PRO A 267 30.20 -6.72 -29.07
C PRO A 267 31.32 -5.75 -28.78
N LYS A 268 31.29 -4.57 -29.40
CA LYS A 268 32.26 -3.50 -29.31
C LYS A 268 31.47 -2.20 -29.17
N PRO A 269 31.91 -1.27 -28.31
CA PRO A 269 31.18 -0.02 -28.15
C PRO A 269 31.18 0.77 -29.46
N LEU A 270 30.10 1.51 -29.71
CA LEU A 270 29.92 2.21 -30.98
C LEU A 270 30.37 3.66 -30.86
N THR A 271 31.10 4.13 -31.87
CA THR A 271 31.53 5.52 -32.01
C THR A 271 30.91 6.16 -33.25
N LEU A 272 29.86 6.95 -33.06
CA LEU A 272 29.05 7.51 -34.14
C LEU A 272 29.41 8.97 -34.37
N ARG A 273 29.62 9.33 -35.63
CA ARG A 273 30.00 10.69 -36.02
C ARG A 273 28.98 11.20 -37.01
N TRP A 274 28.49 12.41 -36.80
CA TRP A 274 27.47 12.93 -37.68
C TRP A 274 28.05 13.29 -39.03
N GLU A 275 27.26 13.03 -40.05
CA GLU A 275 27.46 13.38 -41.41
C GLU A 275 26.08 13.70 -41.96
N PRO A 276 25.96 14.75 -42.79
CA PRO A 276 24.71 15.19 -43.41
C PRO A 276 23.92 14.07 -44.09
N MET B 1 5.65 16.69 4.03
CA MET B 1 5.48 15.65 3.01
C MET B 1 6.28 15.91 1.74
N ILE B 2 7.07 14.91 1.32
CA ILE B 2 7.83 15.07 0.08
C ILE B 2 6.86 15.05 -1.09
N GLN B 3 7.14 15.86 -2.10
CA GLN B 3 6.25 15.98 -3.23
C GLN B 3 7.09 16.14 -4.48
N ARG B 4 6.84 15.32 -5.50
CA ARG B 4 7.65 15.30 -6.71
C ARG B 4 6.79 15.46 -7.96
N THR B 5 7.11 16.44 -8.75
CA THR B 5 6.40 16.68 -9.99
C THR B 5 6.86 15.67 -11.05
N PRO B 6 5.98 15.26 -11.96
CA PRO B 6 6.33 14.18 -12.89
C PRO B 6 7.17 14.72 -14.03
N LYS B 7 8.19 13.97 -14.42
CA LYS B 7 8.83 14.17 -15.72
C LYS B 7 7.96 13.52 -16.79
N ILE B 8 7.91 14.10 -17.98
CA ILE B 8 6.99 13.66 -19.02
C ILE B 8 7.76 13.48 -20.31
N GLN B 9 7.57 12.33 -20.96
CA GLN B 9 8.20 12.08 -22.28
C GLN B 9 7.17 11.50 -23.23
N VAL B 10 6.95 12.16 -24.36
CA VAL B 10 6.00 11.72 -25.37
C VAL B 10 6.74 11.25 -26.62
N TYR B 11 6.44 10.03 -27.05
CA TYR B 11 7.23 9.42 -28.11
C TYR B 11 6.49 8.22 -28.65
N SER B 12 7.02 7.70 -29.74
CA SER B 12 6.45 6.58 -30.45
C SER B 12 7.25 5.33 -30.15
N ARG B 13 6.57 4.19 -30.17
CA ARG B 13 7.26 2.92 -29.96
C ARG B 13 8.31 2.71 -31.04
N HIS B 14 7.93 2.95 -32.28
CA HIS B 14 8.83 2.76 -33.40
C HIS B 14 9.02 4.09 -34.11
N PRO B 15 10.06 4.21 -34.92
CA PRO B 15 10.21 5.39 -35.77
C PRO B 15 8.92 5.67 -36.54
N ALA B 16 8.42 6.89 -36.39
CA ALA B 16 7.17 7.30 -37.01
C ALA B 16 7.26 7.35 -38.54
N GLU B 17 6.30 6.72 -39.20
CA GLU B 17 6.18 6.84 -40.65
C GLU B 17 4.70 7.05 -40.93
N ASN B 18 4.39 8.12 -41.65
CA ASN B 18 3.00 8.44 -41.94
C ASN B 18 2.35 7.27 -42.65
N GLY B 19 1.15 6.90 -42.20
CA GLY B 19 0.49 5.78 -42.79
C GLY B 19 0.81 4.44 -42.16
N LYS B 20 1.75 4.38 -41.22
CA LYS B 20 2.20 3.13 -40.62
C LYS B 20 1.66 3.00 -39.19
N SER B 21 1.18 1.80 -38.86
CA SER B 21 0.65 1.54 -37.54
C SER B 21 1.79 1.59 -36.53
N ASN B 22 1.49 2.10 -35.33
CA ASN B 22 2.48 2.44 -34.31
C ASN B 22 1.79 2.49 -32.94
N PHE B 23 2.53 2.93 -31.93
CA PHE B 23 2.03 3.18 -30.59
C PHE B 23 2.52 4.53 -30.11
N LEU B 24 1.61 5.33 -29.57
CA LEU B 24 1.97 6.60 -28.96
C LEU B 24 2.09 6.39 -27.47
N ASN B 25 3.23 6.79 -26.93
CA ASN B 25 3.62 6.58 -25.54
C ASN B 25 3.74 7.91 -24.84
N CYS B 26 3.28 7.95 -23.59
CA CYS B 26 3.62 9.01 -22.67
C CYS B 26 4.20 8.42 -21.39
N TYR B 27 5.47 8.70 -21.12
CA TYR B 27 6.13 8.14 -19.95
C TYR B 27 6.27 9.25 -18.91
N VAL B 28 5.64 9.04 -17.76
CA VAL B 28 5.70 9.94 -16.62
C VAL B 28 6.45 9.21 -15.53
N SER B 29 7.34 9.94 -14.85
CA SER B 29 8.27 9.33 -13.89
C SER B 29 8.69 10.35 -12.84
N GLY B 30 9.29 9.85 -11.77
CA GLY B 30 9.86 10.69 -10.72
C GLY B 30 8.89 11.50 -9.92
N PHE B 31 7.66 11.06 -9.80
CA PHE B 31 6.66 11.86 -9.13
C PHE B 31 6.19 11.18 -7.85
N HIS B 32 5.66 12.04 -6.96
CA HIS B 32 5.17 11.63 -5.64
C HIS B 32 4.25 12.75 -5.17
N PRO B 33 3.05 12.40 -4.65
CA PRO B 33 2.58 11.03 -4.50
C PRO B 33 2.03 10.43 -5.82
N SER B 34 1.37 9.26 -5.78
CA SER B 34 1.21 8.43 -6.96
C SER B 34 0.00 8.81 -7.81
N ASP B 35 -1.01 9.51 -7.27
CA ASP B 35 -2.18 9.89 -8.06
C ASP B 35 -1.75 10.88 -9.12
N ILE B 36 -2.07 10.57 -10.38
CA ILE B 36 -1.70 11.40 -11.51
C ILE B 36 -2.75 11.22 -12.60
N GLU B 37 -3.01 12.28 -13.37
CA GLU B 37 -3.95 12.24 -14.50
C GLU B 37 -3.16 12.37 -15.80
N VAL B 38 -3.27 11.35 -16.66
CA VAL B 38 -2.57 11.33 -17.93
C VAL B 38 -3.57 11.09 -19.04
N ASP B 39 -3.55 11.96 -20.06
CA ASP B 39 -4.40 11.85 -21.24
C ASP B 39 -3.54 11.99 -22.48
N LEU B 40 -3.70 11.08 -23.44
CA LEU B 40 -3.17 11.31 -24.76
C LEU B 40 -4.18 12.11 -25.59
N LEU B 41 -3.70 13.18 -26.23
CA LEU B 41 -4.55 14.07 -26.99
C LEU B 41 -4.20 13.95 -28.46
N LYS B 42 -5.23 14.02 -29.31
CA LYS B 42 -5.04 14.09 -30.74
C LYS B 42 -5.78 15.33 -31.21
N ASN B 43 -5.02 16.31 -31.73
CA ASN B 43 -5.55 17.62 -32.07
C ASN B 43 -6.33 18.19 -30.89
N GLY B 44 -5.76 18.06 -29.69
CA GLY B 44 -6.40 18.58 -28.51
C GLY B 44 -7.53 17.72 -27.96
N GLU B 45 -7.90 16.64 -28.65
CA GLU B 45 -8.99 15.79 -28.23
C GLU B 45 -8.45 14.54 -27.56
N ARG B 46 -9.12 14.09 -26.50
CA ARG B 46 -8.63 12.93 -25.75
C ARG B 46 -8.84 11.68 -26.57
N ILE B 47 -7.86 10.88 -26.60
CA ILE B 47 -7.91 9.62 -27.32
C ILE B 47 -8.48 8.60 -26.34
N GLU B 48 -9.41 7.80 -26.84
CA GLU B 48 -10.01 6.75 -26.04
C GLU B 48 -9.12 5.52 -26.15
N LYS B 49 -9.45 4.48 -25.39
CA LYS B 49 -8.70 3.23 -25.47
C LYS B 49 -7.24 3.38 -25.03
N VAL B 50 -6.94 4.36 -24.17
CA VAL B 50 -5.57 4.52 -23.67
C VAL B 50 -5.29 3.46 -22.60
N GLU B 51 -4.17 2.74 -22.75
CA GLU B 51 -3.74 1.77 -21.74
C GLU B 51 -2.61 2.31 -20.87
N HIS B 52 -2.37 1.64 -19.75
CA HIS B 52 -1.25 2.09 -18.94
C HIS B 52 -0.74 0.88 -18.16
N SER B 53 0.53 0.95 -17.78
CA SER B 53 1.21 -0.10 -17.03
C SER B 53 0.81 -0.09 -15.55
N ASP B 54 1.16 -1.16 -14.84
CA ASP B 54 0.91 -1.20 -13.42
C ASP B 54 1.87 -0.28 -12.67
N LEU B 55 1.32 0.48 -11.74
CA LEU B 55 2.07 1.43 -10.92
C LEU B 55 3.28 0.78 -10.26
N SER B 56 4.45 1.38 -10.46
CA SER B 56 5.67 0.90 -9.84
C SER B 56 6.53 2.10 -9.45
N PHE B 57 7.71 1.83 -8.90
CA PHE B 57 8.55 2.93 -8.44
C PHE B 57 10.03 2.52 -8.48
N SER B 58 10.87 3.54 -8.27
CA SER B 58 12.33 3.33 -8.35
C SER B 58 12.94 3.35 -6.95
N LYS B 59 14.27 3.29 -6.88
CA LYS B 59 14.98 3.23 -5.58
C LYS B 59 14.68 4.49 -4.78
N ASP B 60 14.55 5.64 -5.44
CA ASP B 60 14.20 6.90 -4.76
C ASP B 60 12.73 6.85 -4.28
N TRP B 61 12.03 5.76 -4.60
CA TRP B 61 10.60 5.59 -4.21
C TRP B 61 9.70 6.44 -5.10
N SER B 62 10.28 7.18 -6.05
CA SER B 62 9.44 7.98 -6.94
C SER B 62 8.74 7.11 -8.01
N PHE B 63 7.51 7.50 -8.38
CA PHE B 63 6.66 6.64 -9.21
C PHE B 63 6.93 6.81 -10.70
N TYR B 64 6.57 5.77 -11.47
CA TYR B 64 6.58 5.90 -12.91
C TYR B 64 5.41 5.15 -13.54
N LEU B 65 4.91 5.68 -14.65
CA LEU B 65 3.83 5.06 -15.40
C LEU B 65 4.06 5.28 -16.88
N LEU B 66 3.70 4.29 -17.67
CA LEU B 66 3.66 4.39 -19.11
C LEU B 66 2.20 4.29 -19.58
N TYR B 67 1.75 5.34 -20.28
CA TYR B 67 0.49 5.37 -21.00
C TYR B 67 0.73 5.18 -22.49
N TYR B 68 -0.10 4.35 -23.14
CA TYR B 68 0.11 4.02 -24.54
C TYR B 68 -1.23 3.72 -25.24
N THR B 69 -1.28 4.00 -26.55
CA THR B 69 -2.40 3.58 -27.38
C THR B 69 -1.92 3.35 -28.81
N GLU B 70 -2.59 2.48 -29.54
CA GLU B 70 -2.28 2.29 -30.94
C GLU B 70 -2.68 3.54 -31.73
N PHE B 71 -1.87 3.93 -32.72
CA PHE B 71 -2.18 5.14 -33.49
C PHE B 71 -1.42 5.12 -34.80
N THR B 72 -2.05 5.62 -35.87
CA THR B 72 -1.33 5.78 -37.13
C THR B 72 -1.08 7.26 -37.40
N PRO B 73 0.16 7.72 -37.34
CA PRO B 73 0.44 9.13 -37.51
C PRO B 73 0.23 9.53 -38.96
N THR B 74 0.05 10.84 -39.15
CA THR B 74 -0.17 11.43 -40.45
C THR B 74 0.51 12.78 -40.31
N GLU B 75 0.85 13.40 -41.44
CA GLU B 75 1.39 14.76 -41.39
C GLU B 75 0.43 15.80 -40.83
N LYS B 76 -0.87 15.58 -40.88
CA LYS B 76 -1.78 16.62 -40.42
C LYS B 76 -2.22 16.43 -38.97
N ASP B 77 -1.71 15.41 -38.28
CA ASP B 77 -2.24 14.96 -36.98
C ASP B 77 -1.26 15.29 -35.87
N GLU B 78 -1.64 16.22 -34.99
CA GLU B 78 -0.77 16.65 -33.90
C GLU B 78 -1.21 15.94 -32.62
N TYR B 79 -0.28 15.20 -32.03
CA TYR B 79 -0.49 14.39 -30.83
C TYR B 79 0.16 15.04 -29.62
N ALA B 80 -0.40 14.82 -28.43
CA ALA B 80 0.18 15.45 -27.25
C ALA B 80 -0.13 14.60 -26.02
N CYS B 81 0.45 14.98 -24.89
CA CYS B 81 0.20 14.31 -23.64
C CYS B 81 -0.15 15.39 -22.64
N ARG B 82 -1.23 15.20 -21.89
CA ARG B 82 -1.65 16.13 -20.86
C ARG B 82 -1.52 15.46 -19.50
N VAL B 83 -0.78 16.08 -18.58
CA VAL B 83 -0.51 15.51 -17.26
C VAL B 83 -1.04 16.46 -16.19
N ASN B 84 -1.83 15.91 -15.28
CA ASN B 84 -2.20 16.66 -14.10
C ASN B 84 -1.64 16.00 -12.84
N HIS B 85 -1.21 16.82 -11.89
CA HIS B 85 -0.65 16.33 -10.65
C HIS B 85 -0.85 17.36 -9.55
N VAL B 86 -0.82 16.89 -8.30
CA VAL B 86 -0.93 17.80 -7.15
C VAL B 86 0.09 18.92 -7.24
N THR B 87 1.31 18.60 -7.69
CA THR B 87 2.41 19.53 -7.87
C THR B 87 2.22 20.49 -9.05
N LEU B 88 1.15 20.35 -9.84
CA LEU B 88 0.90 21.20 -11.00
C LEU B 88 -0.38 21.95 -10.74
N SER B 89 -0.29 23.28 -10.83
CA SER B 89 -1.47 24.11 -10.65
C SER B 89 -2.39 24.09 -11.86
N GLN B 90 -1.84 23.90 -13.04
CA GLN B 90 -2.54 23.77 -14.30
C GLN B 90 -2.07 22.51 -14.99
N PRO B 91 -2.91 21.89 -15.82
CA PRO B 91 -2.48 20.64 -16.45
C PRO B 91 -1.35 20.95 -17.42
N LYS B 92 -0.33 20.08 -17.44
CA LYS B 92 0.82 20.29 -18.31
C LYS B 92 0.70 19.48 -19.61
N ILE B 93 0.83 20.17 -20.74
CA ILE B 93 0.71 19.61 -22.10
C ILE B 93 2.08 19.57 -22.77
N VAL B 94 2.50 18.39 -23.20
CA VAL B 94 3.75 18.16 -23.93
C VAL B 94 3.40 17.59 -25.30
N LYS B 95 3.79 18.30 -26.35
CA LYS B 95 3.52 17.90 -27.73
C LYS B 95 4.47 16.80 -28.18
N TRP B 96 3.96 15.87 -28.99
CA TRP B 96 4.83 14.91 -29.66
C TRP B 96 5.61 15.56 -30.79
N ASP B 97 6.93 15.36 -30.79
CA ASP B 97 7.81 15.91 -31.80
C ASP B 97 8.44 14.77 -32.60
N ARG B 98 8.01 14.61 -33.84
CA ARG B 98 8.59 13.63 -34.74
C ARG B 98 9.95 14.07 -35.25
N THR C 1 8.48 -15.56 -6.19
CA THR C 1 7.78 -16.16 -5.07
C THR C 1 7.59 -15.13 -3.95
N TYR C 2 6.33 -14.80 -3.65
CA TYR C 2 6.07 -13.73 -2.70
C TYR C 2 6.54 -14.12 -1.30
N GLN C 3 6.79 -13.10 -0.49
CA GLN C 3 7.12 -13.30 0.92
C GLN C 3 5.89 -13.09 1.79
N TRP C 4 5.75 -13.89 2.86
CA TRP C 4 4.77 -13.64 3.91
C TRP C 4 5.14 -12.36 4.65
N ILE C 5 4.31 -11.35 4.55
CA ILE C 5 4.45 -10.06 5.22
C ILE C 5 3.35 -10.03 6.26
N ILE C 6 3.68 -10.31 7.52
CA ILE C 6 2.70 -10.46 8.59
C ILE C 6 2.95 -9.53 9.76
N ARG C 7 4.13 -8.88 9.84
CA ARG C 7 4.50 -8.05 10.97
C ARG C 7 4.09 -6.58 10.80
N ASN C 8 3.31 -6.11 11.75
CA ASN C 8 2.85 -4.74 11.77
C ASN C 8 3.96 -3.82 12.20
N TRP C 9 3.83 -2.57 11.83
CA TRP C 9 4.73 -1.57 12.32
C TRP C 9 4.38 -1.51 13.82
N LYS D 7 -18.70 4.54 -10.84
CA LYS D 7 -19.44 4.38 -9.59
C LYS D 7 -19.00 5.32 -8.49
N PRO D 8 -19.92 6.15 -8.00
CA PRO D 8 -19.60 7.06 -6.90
C PRO D 8 -19.14 6.26 -5.68
N PHE D 9 -18.30 6.88 -4.85
CA PHE D 9 -17.92 6.28 -3.58
C PHE D 9 -18.63 6.98 -2.42
N LEU D 10 -19.51 6.26 -1.73
CA LEU D 10 -20.23 6.81 -0.58
C LEU D 10 -19.56 6.42 0.73
N SER D 11 -19.47 7.36 1.66
CA SER D 11 -18.87 7.07 2.96
C SER D 11 -19.56 7.92 4.01
N ALA D 12 -19.60 7.42 5.24
CA ALA D 12 -20.16 8.14 6.38
C ALA D 12 -19.09 8.68 7.33
N TRP D 13 -19.30 9.88 7.86
CA TRP D 13 -18.22 10.41 8.63
C TRP D 13 -18.79 11.17 9.81
N PRO D 14 -18.21 10.97 11.01
CA PRO D 14 -17.09 10.05 11.29
C PRO D 14 -17.38 8.55 11.35
N SER D 15 -18.62 8.13 11.56
CA SER D 15 -18.91 6.71 11.67
C SER D 15 -20.36 6.44 11.27
N ALA D 16 -20.59 5.29 10.63
CA ALA D 16 -21.92 4.86 10.27
C ALA D 16 -22.71 4.35 11.47
N VAL D 17 -22.02 3.98 12.54
CA VAL D 17 -22.65 3.64 13.80
C VAL D 17 -22.59 4.89 14.67
N VAL D 18 -23.74 5.48 15.00
CA VAL D 18 -23.77 6.84 15.51
C VAL D 18 -24.86 6.89 16.58
N PRO D 19 -24.61 7.49 17.74
CA PRO D 19 -25.65 7.58 18.77
C PRO D 19 -26.77 8.51 18.29
N ARG D 20 -27.99 8.21 18.70
CA ARG D 20 -29.03 9.22 18.60
C ARG D 20 -28.58 10.52 19.25
N GLY D 21 -28.84 11.62 18.59
CA GLY D 21 -28.33 12.89 19.05
C GLY D 21 -26.95 13.24 18.57
N GLY D 22 -26.20 12.26 18.02
CA GLY D 22 -24.86 12.51 17.51
C GLY D 22 -24.91 13.14 16.14
N HIS D 23 -23.87 12.90 15.33
CA HIS D 23 -23.88 13.51 14.01
C HIS D 23 -23.12 12.59 13.07
N VAL D 24 -23.57 12.54 11.83
CA VAL D 24 -22.90 11.79 10.79
C VAL D 24 -23.13 12.53 9.48
N THR D 25 -22.11 12.55 8.65
CA THR D 25 -22.15 13.24 7.39
C THR D 25 -22.04 12.19 6.30
N LEU D 26 -22.95 12.21 5.35
CA LEU D 26 -22.83 11.35 4.18
C LEU D 26 -22.13 12.15 3.09
N ARG D 27 -21.00 11.64 2.63
CA ARG D 27 -20.30 12.31 1.56
C ARG D 27 -20.38 11.39 0.36
N CYS D 28 -20.50 12.00 -0.82
CA CYS D 28 -20.70 11.34 -2.12
C CYS D 28 -19.72 11.92 -3.12
N HIS D 29 -18.60 11.24 -3.31
CA HIS D 29 -17.54 11.71 -4.17
C HIS D 29 -17.62 11.24 -5.61
N TYR D 30 -17.73 12.19 -6.56
CA TYR D 30 -17.94 11.92 -7.99
C TYR D 30 -17.35 13.06 -8.82
N ARG D 31 -16.50 12.74 -9.79
CA ARG D 31 -15.84 13.73 -10.65
C ARG D 31 -15.07 14.78 -9.84
N ASN D 36 -22.72 18.25 -6.81
CA ASN D 36 -24.15 18.10 -6.50
C ASN D 36 -24.53 16.63 -6.58
N PHE D 37 -25.32 16.17 -5.62
CA PHE D 37 -25.66 14.76 -5.59
C PHE D 37 -26.99 14.61 -4.87
N MET D 38 -27.68 13.51 -5.19
CA MET D 38 -28.91 13.10 -4.53
C MET D 38 -28.74 11.81 -3.75
N LEU D 39 -29.57 11.60 -2.72
CA LEU D 39 -29.51 10.42 -1.85
C LEU D 39 -30.72 9.51 -2.03
N TYR D 40 -30.47 8.22 -1.85
CA TYR D 40 -31.50 7.19 -1.95
C TYR D 40 -31.41 6.18 -0.81
N LYS D 41 -32.56 5.58 -0.49
CA LYS D 41 -32.58 4.51 0.53
C LYS D 41 -33.17 3.26 -0.13
N GLU D 42 -32.73 2.09 0.30
CA GLU D 42 -33.22 0.81 -0.29
C GLU D 42 -34.75 0.73 -0.10
N ARG D 44 -37.56 2.48 -1.52
CA ARG D 44 -37.62 3.74 -2.31
C ARG D 44 -36.34 3.82 -3.16
N ILE D 45 -36.08 2.77 -3.93
CA ILE D 45 -34.80 2.70 -4.71
C ILE D 45 -34.69 3.89 -5.66
N HIS D 46 -35.78 4.29 -6.32
CA HIS D 46 -35.67 5.35 -7.35
C HIS D 46 -36.18 6.69 -6.80
N VAL D 47 -36.55 6.74 -5.52
CA VAL D 47 -37.15 8.00 -4.97
C VAL D 47 -36.08 8.80 -4.25
N PRO D 48 -35.72 10.01 -4.73
CA PRO D 48 -34.77 10.85 -4.00
C PRO D 48 -35.29 11.19 -2.61
N ILE D 49 -34.38 11.20 -1.65
CA ILE D 49 -34.77 11.42 -0.27
C ILE D 49 -35.03 12.90 -0.07
N PHE D 50 -35.83 13.22 0.96
CA PHE D 50 -36.18 14.61 1.28
C PHE D 50 -36.91 15.29 0.12
N HIS D 51 -37.72 14.54 -0.63
CA HIS D 51 -38.49 15.12 -1.74
C HIS D 51 -37.56 15.62 -2.84
N GLY D 52 -36.44 14.94 -3.04
CA GLY D 52 -35.51 15.33 -4.08
C GLY D 52 -34.48 16.39 -3.77
N ARG D 53 -33.96 16.41 -2.55
CA ARG D 53 -33.03 17.49 -2.17
C ARG D 53 -31.69 17.31 -2.90
N LEU D 54 -31.13 18.41 -3.42
CA LEU D 54 -29.76 18.35 -4.04
C LEU D 54 -28.81 18.80 -2.95
N PHE D 55 -28.10 17.86 -2.32
CA PHE D 55 -27.26 18.20 -1.14
C PHE D 55 -26.06 19.08 -1.48
N GLN D 56 -25.40 18.82 -2.60
CA GLN D 56 -24.16 19.59 -2.89
C GLN D 56 -23.20 19.37 -1.72
N GLU D 57 -22.65 20.45 -1.15
CA GLU D 57 -21.66 20.33 -0.06
C GLU D 57 -21.73 18.92 0.54
N PHE D 59 -24.37 15.78 2.99
CA PHE D 59 -25.58 15.64 3.85
C PHE D 59 -25.16 15.55 5.31
N ASN D 60 -25.26 16.66 6.05
CA ASN D 60 -24.91 16.65 7.50
C ASN D 60 -26.16 16.32 8.33
N MET D 61 -26.36 15.05 8.65
CA MET D 61 -27.49 14.64 9.49
C MET D 61 -27.17 14.99 10.94
N SER D 62 -27.88 15.97 11.48
CA SER D 62 -27.49 16.45 12.80
C SER D 62 -28.55 17.33 13.42
N PRO D 63 -29.06 16.94 14.60
CA PRO D 63 -28.73 15.72 15.33
C PRO D 63 -29.32 14.48 14.66
N VAL D 64 -28.63 13.35 14.72
CA VAL D 64 -29.16 12.13 14.14
C VAL D 64 -30.36 11.65 14.93
N THR D 65 -31.43 11.28 14.22
CA THR D 65 -32.61 10.67 14.80
C THR D 65 -32.79 9.27 14.22
N THR D 66 -33.81 8.55 14.70
CA THR D 66 -34.06 7.21 14.17
C THR D 66 -34.55 7.24 12.73
N ALA D 67 -35.02 8.38 12.24
CA ALA D 67 -35.44 8.43 10.84
C ALA D 67 -34.25 8.35 9.90
N HIS D 68 -33.06 8.66 10.38
CA HIS D 68 -31.86 8.60 9.58
C HIS D 68 -31.33 7.18 9.42
N ALA D 69 -31.80 6.23 10.21
CA ALA D 69 -31.32 4.87 10.08
C ALA D 69 -31.71 4.30 8.73
N GLY D 70 -30.75 3.69 8.04
CA GLY D 70 -31.10 3.12 6.75
C GLY D 70 -29.90 2.69 5.91
N ASN D 71 -30.23 2.12 4.76
CA ASN D 71 -29.25 1.57 3.84
C ASN D 71 -29.23 2.48 2.61
N TYR D 72 -28.15 3.24 2.44
CA TYR D 72 -28.09 4.39 1.57
C TYR D 72 -27.20 4.17 0.36
N THR D 73 -27.63 4.71 -0.79
CA THR D 73 -26.80 4.87 -1.97
C THR D 73 -27.02 6.29 -2.49
N CYS D 74 -26.02 6.84 -3.19
CA CYS D 74 -26.13 8.17 -3.77
C CYS D 74 -25.86 8.15 -5.26
N ARG D 75 -26.35 9.17 -5.96
CA ARG D 75 -25.94 9.47 -7.33
C ARG D 75 -25.61 10.95 -7.44
N GLY D 76 -24.55 11.25 -8.18
CA GLY D 76 -24.06 12.60 -8.37
C GLY D 76 -24.42 13.16 -9.72
N SER D 77 -24.47 14.48 -9.81
CA SER D 77 -24.84 15.12 -11.06
C SER D 77 -23.85 14.75 -12.17
N HIS D 78 -24.40 14.48 -13.37
CA HIS D 78 -23.57 14.12 -14.54
C HIS D 78 -24.17 14.81 -15.76
N PRO D 79 -23.86 16.09 -16.05
CA PRO D 79 -24.54 16.80 -17.14
C PRO D 79 -24.42 16.09 -18.50
N HIS D 80 -23.24 15.57 -18.83
CA HIS D 80 -23.06 14.94 -20.18
C HIS D 80 -23.58 13.50 -20.14
N SER D 81 -24.88 13.32 -19.91
CA SER D 81 -25.46 11.95 -19.81
C SER D 81 -26.98 12.04 -19.96
N GLY D 84 -28.69 12.67 -16.75
CA GLY D 84 -27.74 13.69 -16.23
C GLY D 84 -27.21 13.30 -14.87
N TRP D 85 -27.11 11.99 -14.59
CA TRP D 85 -26.69 11.52 -13.25
C TRP D 85 -25.84 10.26 -13.37
N SER D 86 -25.12 9.93 -12.30
CA SER D 86 -24.19 8.78 -12.34
C SER D 86 -24.93 7.51 -11.94
N ALA D 87 -24.24 6.38 -12.01
CA ALA D 87 -24.87 5.14 -11.51
C ALA D 87 -24.88 5.27 -9.98
N ALA D 88 -25.55 4.35 -9.29
CA ALA D 88 -25.70 4.48 -7.83
C ALA D 88 -24.35 4.22 -7.12
N SER D 89 -24.21 4.71 -5.89
CA SER D 89 -22.94 4.58 -5.14
C SER D 89 -22.85 3.22 -4.42
N ASN D 90 -21.78 3.02 -3.66
CA ASN D 90 -21.63 1.80 -2.84
C ASN D 90 -22.60 1.87 -1.66
N PRO D 91 -22.98 0.74 -1.04
CA PRO D 91 -23.97 0.75 0.05
C PRO D 91 -23.40 1.06 1.44
N VAL D 92 -23.92 2.10 2.10
CA VAL D 92 -23.49 2.45 3.45
C VAL D 92 -24.71 2.34 4.37
N VAL D 93 -24.60 1.55 5.42
CA VAL D 93 -25.74 1.26 6.30
C VAL D 93 -25.57 2.14 7.53
N ILE D 94 -26.41 3.16 7.68
CA ILE D 94 -26.35 3.99 8.87
C ILE D 94 -27.17 3.33 9.97
N MET D 95 -26.52 2.98 11.07
CA MET D 95 -27.16 2.35 12.21
C MET D 95 -27.22 3.33 13.37
N VAL D 96 -28.41 3.61 13.87
CA VAL D 96 -28.59 4.58 14.95
C VAL D 96 -28.70 3.80 16.25
N THR D 97 -27.86 4.15 17.21
CA THR D 97 -27.79 3.43 18.48
C THR D 97 -28.52 4.21 19.56
N GLY D 98 -28.76 3.53 20.66
CA GLY D 98 -29.40 4.14 21.81
C GLY D 98 -30.91 4.01 21.85
N ASN D 99 -31.50 2.91 21.34
CA ASN D 99 -32.96 2.76 21.26
C ASN D 99 -33.56 1.64 22.13
N HIS D 100 -32.73 0.85 22.80
CA HIS D 100 -33.12 -0.20 23.73
C HIS D 100 -32.02 -0.29 24.78
N ARG D 101 -32.31 -1.02 25.86
CA ARG D 101 -31.32 -1.25 26.91
C ARG D 101 -30.19 -2.10 26.38
N LYS D 102 -29.02 -1.93 26.98
CA LYS D 102 -27.80 -2.52 26.43
C LYS D 102 -27.72 -4.03 26.66
N PRO D 103 -27.12 -4.76 25.73
CA PRO D 103 -26.77 -6.15 26.00
C PRO D 103 -25.45 -6.20 26.78
N SER D 104 -25.03 -7.45 27.05
CA SER D 104 -23.77 -7.83 27.70
C SER D 104 -22.86 -8.49 26.70
N LEU D 105 -21.56 -8.24 26.87
CA LEU D 105 -20.53 -8.84 25.98
C LEU D 105 -19.55 -9.62 26.85
N LEU D 106 -19.28 -10.86 26.48
CA LEU D 106 -18.38 -11.72 27.29
C LEU D 106 -17.34 -12.37 26.39
N ALA D 107 -16.11 -12.49 26.90
CA ALA D 107 -15.03 -13.11 26.10
C ALA D 107 -14.79 -14.52 26.60
N HIS D 108 -14.79 -15.47 25.68
CA HIS D 108 -14.51 -16.88 26.05
C HIS D 108 -13.34 -17.34 25.20
N PRO D 109 -12.25 -17.91 25.76
CA PRO D 109 -12.08 -18.12 27.20
C PRO D 109 -11.79 -16.82 27.97
N GLY D 110 -11.32 -15.77 27.31
CA GLY D 110 -10.93 -14.56 28.00
C GLY D 110 -10.48 -13.51 27.02
N PRO D 111 -10.20 -12.29 27.49
CA PRO D 111 -9.91 -11.21 26.54
C PRO D 111 -8.48 -11.22 26.04
N LEU D 112 -7.60 -11.96 26.69
CA LEU D 112 -6.20 -12.08 26.30
C LEU D 112 -6.05 -13.24 25.33
N VAL D 113 -5.68 -12.98 24.08
CA VAL D 113 -5.74 -13.99 23.05
C VAL D 113 -4.33 -14.16 22.46
N LYS D 114 -3.80 -15.37 22.56
CA LYS D 114 -2.51 -15.60 21.94
C LYS D 114 -2.61 -15.34 20.45
N SER D 115 -1.62 -14.62 19.93
CA SER D 115 -1.48 -14.41 18.50
C SER D 115 -1.76 -15.69 17.72
N GLY D 116 -2.60 -15.56 16.68
CA GLY D 116 -2.90 -16.72 15.88
C GLY D 116 -3.99 -17.62 16.40
N GLU D 117 -4.44 -17.44 17.63
CA GLU D 117 -5.45 -18.33 18.18
C GLU D 117 -6.83 -17.67 17.96
N ARG D 118 -7.87 -18.23 18.56
CA ARG D 118 -9.20 -17.72 18.28
C ARG D 118 -9.88 -17.38 19.60
N VAL D 119 -10.92 -16.56 19.54
CA VAL D 119 -11.72 -16.24 20.72
C VAL D 119 -13.18 -16.07 20.29
N ILE D 120 -14.10 -16.43 21.21
CA ILE D 120 -15.53 -16.23 21.03
C ILE D 120 -15.89 -14.98 21.82
N LEU D 121 -16.54 -14.04 21.16
CA LEU D 121 -17.12 -12.90 21.84
C LEU D 121 -18.62 -13.18 21.86
N GLN D 122 -19.18 -13.38 23.04
CA GLN D 122 -20.58 -13.74 23.20
C GLN D 122 -21.37 -12.52 23.64
N CYS D 123 -22.37 -12.17 22.85
CA CYS D 123 -23.29 -11.10 23.17
C CYS D 123 -24.63 -11.74 23.57
N TRP D 124 -25.21 -11.29 24.68
CA TRP D 124 -26.46 -11.86 25.18
C TRP D 124 -27.26 -10.78 25.93
N SER D 125 -28.56 -11.06 26.11
CA SER D 125 -29.44 -10.10 26.78
C SER D 125 -30.69 -10.81 27.31
N ASP D 126 -31.25 -10.25 28.39
CA ASP D 126 -32.61 -10.63 28.77
C ASP D 126 -33.63 -10.05 27.80
N ILE D 127 -33.31 -8.91 27.17
CA ILE D 127 -34.13 -8.38 26.08
C ILE D 127 -34.03 -9.34 24.91
N MET D 128 -35.14 -9.53 24.19
CA MET D 128 -35.19 -10.51 23.10
C MET D 128 -34.86 -9.86 21.77
N PHE D 129 -33.59 -9.78 21.46
CA PHE D 129 -33.11 -9.16 20.23
C PHE D 129 -33.13 -10.16 19.09
N GLU D 130 -33.64 -9.74 17.94
CA GLU D 130 -33.62 -10.58 16.77
C GLU D 130 -32.23 -10.65 16.13
N HIS D 131 -31.48 -9.55 16.20
CA HIS D 131 -30.14 -9.49 15.63
C HIS D 131 -29.15 -8.91 16.62
N PHE D 132 -27.91 -9.38 16.53
CA PHE D 132 -26.78 -8.80 17.25
C PHE D 132 -25.71 -8.31 16.30
N PHE D 133 -25.09 -7.22 16.70
CA PHE D 133 -24.03 -6.60 15.94
C PHE D 133 -22.80 -6.52 16.82
N LEU D 134 -21.64 -6.73 16.25
CA LEU D 134 -20.40 -6.59 16.98
C LEU D 134 -19.58 -5.54 16.24
N HIS D 135 -19.06 -4.55 16.96
CA HIS D 135 -18.36 -3.44 16.34
C HIS D 135 -17.05 -3.18 17.07
N LYS D 136 -15.95 -3.20 16.32
CA LYS D 136 -14.71 -2.75 16.91
C LYS D 136 -14.69 -1.23 16.83
N GLU D 137 -14.34 -0.61 17.94
CA GLU D 137 -14.36 0.83 18.00
C GLU D 137 -13.36 1.38 16.99
N GLY D 138 -13.75 2.38 16.22
CA GLY D 138 -12.79 3.01 15.34
C GLY D 138 -12.51 2.32 14.03
N ILE D 139 -13.26 1.27 13.70
CA ILE D 139 -13.06 0.53 12.46
C ILE D 139 -14.16 1.05 11.54
N SER D 140 -13.84 1.28 10.28
CA SER D 140 -14.89 1.71 9.38
C SER D 140 -15.62 0.51 8.79
N LYS D 141 -15.13 -0.70 9.03
CA LYS D 141 -15.82 -1.88 8.54
C LYS D 141 -17.22 -1.94 9.13
N ASP D 142 -18.17 -2.36 8.28
CA ASP D 142 -19.52 -2.78 8.58
C ASP D 142 -19.48 -3.71 9.79
N PRO D 143 -20.30 -3.46 10.81
CA PRO D 143 -20.44 -4.44 11.90
C PRO D 143 -20.81 -5.83 11.44
N SER D 144 -20.30 -6.83 12.16
CA SER D 144 -20.70 -8.21 11.97
C SER D 144 -22.10 -8.40 12.52
N ARG D 145 -22.95 -9.12 11.80
CA ARG D 145 -24.33 -9.33 12.23
C ARG D 145 -24.62 -10.82 12.37
N LEU D 146 -25.30 -11.20 13.45
CA LEU D 146 -25.73 -12.58 13.66
C LEU D 146 -27.16 -12.60 14.20
N VAL D 147 -27.87 -13.66 13.90
CA VAL D 147 -29.22 -13.81 14.42
C VAL D 147 -29.15 -14.20 15.88
N GLY D 148 -30.04 -13.63 16.68
CA GLY D 148 -30.10 -13.97 18.08
C GLY D 148 -30.72 -15.33 18.23
N GLN D 149 -30.09 -16.19 19.01
CA GLN D 149 -30.57 -17.53 19.35
C GLN D 149 -31.20 -17.45 20.74
N ILE D 150 -32.28 -18.19 20.95
CA ILE D 150 -33.08 -18.08 22.16
C ILE D 150 -32.82 -19.28 23.06
N HIS D 151 -32.48 -19.01 24.32
CA HIS D 151 -32.29 -20.08 25.30
C HIS D 151 -32.45 -19.52 26.70
N ASP D 152 -33.40 -20.09 27.48
CA ASP D 152 -33.51 -19.85 28.92
C ASP D 152 -33.66 -18.37 29.27
N GLY D 153 -34.67 -17.73 28.69
CA GLY D 153 -34.91 -16.35 29.08
C GLY D 153 -33.95 -15.34 28.47
N VAL D 154 -32.94 -15.76 27.71
CA VAL D 154 -31.97 -14.86 27.09
C VAL D 154 -31.85 -15.15 25.61
N SER D 155 -31.54 -14.12 24.85
CA SER D 155 -31.13 -14.26 23.46
C SER D 155 -29.64 -13.95 23.36
N LYS D 156 -28.92 -14.72 22.54
CA LYS D 156 -27.47 -14.61 22.54
C LYS D 156 -26.92 -14.84 21.13
N ALA D 157 -25.64 -14.51 20.96
CA ALA D 157 -24.91 -14.73 19.71
C ALA D 157 -23.42 -14.91 19.97
N ASN D 158 -22.82 -15.93 19.36
CA ASN D 158 -21.39 -16.21 19.48
C ASN D 158 -20.70 -15.67 18.25
N PHE D 159 -19.97 -14.57 18.39
CA PHE D 159 -19.13 -14.06 17.32
C PHE D 159 -17.73 -14.68 17.44
N SER D 160 -17.28 -15.36 16.39
CA SER D 160 -15.94 -15.94 16.37
C SER D 160 -14.95 -14.92 15.80
N ILE D 161 -13.94 -14.57 16.60
CA ILE D 161 -12.89 -13.63 16.23
C ILE D 161 -11.56 -14.35 16.08
N GLY D 162 -10.94 -14.21 14.92
CA GLY D 162 -9.61 -14.74 14.75
C GLY D 162 -9.40 -15.27 13.36
N PRO D 163 -8.20 -15.78 13.04
CA PRO D 163 -6.99 -15.89 13.90
C PRO D 163 -6.40 -14.56 14.38
N MET D 164 -6.01 -14.46 15.66
CA MET D 164 -5.75 -13.15 16.24
C MET D 164 -4.50 -12.54 15.62
N MET D 165 -4.57 -11.24 15.40
CA MET D 165 -3.45 -10.43 14.94
C MET D 165 -3.84 -8.99 15.24
N PHE D 166 -2.88 -8.09 15.05
CA PHE D 166 -3.01 -6.71 15.51
C PHE D 166 -4.32 -6.09 15.02
N ALA D 167 -4.72 -6.40 13.79
CA ALA D 167 -5.91 -5.79 13.23
C ALA D 167 -7.18 -6.12 14.01
N LEU D 168 -7.21 -7.26 14.72
CA LEU D 168 -8.39 -7.71 15.47
C LEU D 168 -8.38 -7.30 16.93
N ALA D 169 -7.24 -6.81 17.44
CA ALA D 169 -7.19 -6.34 18.80
C ALA D 169 -7.77 -4.95 18.93
N GLY D 170 -8.37 -4.68 20.05
CA GLY D 170 -8.93 -3.38 20.28
C GLY D 170 -10.14 -3.47 21.17
N THR D 171 -10.90 -2.38 21.18
CA THR D 171 -12.07 -2.23 22.03
C THR D 171 -13.34 -2.58 21.24
N TYR D 172 -14.10 -3.56 21.75
CA TYR D 172 -15.32 -4.04 21.13
C TYR D 172 -16.56 -3.68 21.93
N ARG D 173 -17.65 -3.47 21.18
CA ARG D 173 -18.97 -3.30 21.76
C ARG D 173 -19.95 -4.12 20.94
N CYS D 174 -21.02 -4.57 21.56
CA CYS D 174 -22.05 -5.26 20.81
C CYS D 174 -23.39 -4.62 21.06
N TYR D 175 -24.30 -4.88 20.11
CA TYR D 175 -25.59 -4.24 20.01
C TYR D 175 -26.64 -5.26 19.65
N GLY D 176 -27.87 -4.92 20.03
CA GLY D 176 -29.05 -5.69 19.66
C GLY D 176 -29.97 -4.77 18.88
N SER D 177 -30.78 -5.38 18.03
CA SER D 177 -31.88 -4.72 17.32
C SER D 177 -33.09 -5.65 17.34
N VAL D 178 -34.27 -5.09 17.08
CA VAL D 178 -35.54 -5.83 17.13
C VAL D 178 -35.98 -6.04 15.69
N THR D 179 -36.98 -6.89 15.53
CA THR D 179 -37.44 -7.38 14.22
C THR D 179 -37.81 -6.38 13.14
N HIS D 180 -38.74 -5.52 13.41
CA HIS D 180 -39.11 -4.51 12.41
C HIS D 180 -38.24 -3.25 12.31
N THR D 181 -37.27 -3.04 13.19
CA THR D 181 -36.34 -1.93 13.09
C THR D 181 -34.89 -2.40 13.18
N PRO D 182 -34.46 -3.18 12.19
CA PRO D 182 -33.15 -3.82 12.29
C PRO D 182 -31.99 -2.84 12.37
N TYR D 183 -32.10 -1.64 11.80
CA TYR D 183 -31.06 -0.60 11.87
C TYR D 183 -31.13 0.29 13.10
N GLN D 184 -32.11 0.10 13.99
CA GLN D 184 -32.23 0.90 15.21
C GLN D 184 -31.63 0.06 16.35
N LEU D 185 -30.39 0.37 16.70
CA LEU D 185 -29.68 -0.48 17.63
C LEU D 185 -29.87 -0.03 19.08
N SER D 186 -29.65 -0.98 19.97
CA SER D 186 -29.75 -0.69 21.41
C SER D 186 -28.59 0.19 21.84
N ALA D 187 -28.60 0.59 23.09
CA ALA D 187 -27.42 1.29 23.60
C ALA D 187 -26.29 0.28 23.60
N PRO D 188 -25.03 0.69 23.43
CA PRO D 188 -23.93 -0.28 23.33
C PRO D 188 -23.74 -0.96 24.66
N SER D 189 -23.37 -2.25 24.61
CA SER D 189 -22.84 -2.95 25.78
C SER D 189 -21.64 -2.22 26.34
N ASP D 190 -21.30 -2.51 27.60
CA ASP D 190 -20.01 -2.06 28.13
C ASP D 190 -18.87 -2.58 27.26
N PRO D 191 -17.85 -1.76 27.00
CA PRO D 191 -16.78 -2.16 26.08
C PRO D 191 -15.92 -3.27 26.66
N LEU D 192 -15.35 -4.05 25.76
CA LEU D 192 -14.49 -5.18 26.10
C LEU D 192 -13.19 -5.03 25.33
N ASP D 193 -12.06 -5.03 26.03
CA ASP D 193 -10.77 -4.89 25.38
C ASP D 193 -10.23 -6.27 25.06
N ILE D 194 -9.97 -6.52 23.78
CA ILE D 194 -9.45 -7.80 23.31
C ILE D 194 -7.99 -7.54 22.94
N VAL D 195 -7.09 -8.29 23.55
CA VAL D 195 -5.67 -8.02 23.44
C VAL D 195 -4.97 -9.21 22.79
N VAL D 196 -4.06 -8.93 21.87
CA VAL D 196 -3.26 -9.97 21.21
C VAL D 196 -1.90 -10.01 21.90
N THR D 197 -1.49 -11.20 22.29
CA THR D 197 -0.26 -11.41 23.04
C THR D 197 0.70 -12.15 22.13
N GLY D 198 1.95 -11.70 22.08
CA GLY D 198 2.94 -12.31 21.22
C GLY D 198 3.00 -11.62 19.87
N PRO D 199 4.07 -11.85 19.12
CA PRO D 199 5.07 -12.83 19.49
C PRO D 199 6.31 -12.20 20.16
N TYR D 200 6.23 -10.93 20.58
CA TYR D 200 7.39 -10.29 21.24
C TYR D 200 7.87 -11.10 22.44
N GLU D 201 9.16 -10.98 22.73
CA GLU D 201 9.78 -11.87 23.72
C GLU D 201 9.26 -11.60 25.12
N LYS D 202 8.89 -12.67 25.81
CA LYS D 202 8.30 -12.54 27.14
C LYS D 202 9.29 -11.93 28.14
N PRO D 203 8.79 -11.06 29.04
CA PRO D 203 9.63 -10.45 30.07
C PRO D 203 9.71 -11.32 31.30
N SER D 204 10.39 -10.87 32.36
CA SER D 204 10.55 -11.63 33.61
C SER D 204 9.84 -10.92 34.74
N LEU D 205 9.17 -11.70 35.59
CA LEU D 205 8.42 -11.23 36.75
C LEU D 205 9.16 -11.60 38.03
N SER D 206 9.25 -10.67 38.97
CA SER D 206 9.87 -10.92 40.27
C SER D 206 9.14 -10.06 41.28
N ALA D 207 9.45 -10.28 42.55
CA ALA D 207 8.71 -9.65 43.65
C ALA D 207 9.74 -9.10 44.60
N GLN D 208 9.35 -8.07 45.38
CA GLN D 208 10.28 -7.46 46.31
C GLN D 208 9.63 -7.34 47.68
N PRO D 209 10.22 -7.92 48.75
CA PRO D 209 11.48 -8.68 48.91
C PRO D 209 11.34 -10.06 48.26
N GLY D 210 10.10 -10.52 48.11
CA GLY D 210 9.81 -11.84 47.62
C GLY D 210 8.34 -12.22 47.68
N PRO D 211 8.07 -13.41 47.13
CA PRO D 211 6.70 -13.94 46.97
C PRO D 211 5.97 -14.46 48.20
N LYS D 212 6.52 -14.42 49.42
CA LYS D 212 5.72 -15.02 50.48
C LYS D 212 5.04 -14.03 51.41
N VAL D 213 5.59 -12.83 51.61
CA VAL D 213 4.96 -11.77 52.42
C VAL D 213 4.09 -12.30 53.57
N VAL D 219 4.27 -5.83 49.40
CA VAL D 219 5.06 -6.44 48.33
C VAL D 219 5.00 -5.64 47.03
N THR D 220 6.11 -5.62 46.29
CA THR D 220 6.20 -5.03 44.95
C THR D 220 6.63 -6.00 43.86
N LEU D 221 5.95 -5.98 42.72
CA LEU D 221 6.29 -6.90 41.64
C LEU D 221 7.03 -6.13 40.56
N SER D 222 8.25 -6.60 40.22
CA SER D 222 9.11 -6.00 39.21
C SER D 222 9.04 -6.79 37.91
N CYS D 223 8.90 -6.08 36.80
CA CYS D 223 8.91 -6.65 35.45
C CYS D 223 10.04 -6.04 34.66
N SER D 224 10.96 -6.87 34.17
CA SER D 224 12.12 -6.33 33.48
C SER D 224 12.34 -7.16 32.23
N SER D 225 13.21 -6.64 31.34
CA SER D 225 13.35 -7.26 30.06
C SER D 225 14.50 -6.56 29.35
N ARG D 226 15.17 -7.28 28.45
CA ARG D 226 16.15 -6.58 27.65
C ARG D 226 15.51 -5.80 26.50
N SER D 227 14.36 -6.23 26.02
CA SER D 227 13.57 -5.51 25.01
C SER D 227 12.98 -4.20 25.55
N SER D 228 12.85 -3.22 24.66
CA SER D 228 12.52 -1.84 25.04
C SER D 228 11.00 -1.57 25.07
N TYR D 229 10.30 -2.25 25.99
CA TYR D 229 8.88 -2.00 26.19
C TYR D 229 8.68 -0.61 26.78
N ASP D 230 7.61 0.08 26.37
CA ASP D 230 7.35 1.37 27.03
C ASP D 230 6.39 1.25 28.19
N MET D 231 5.68 0.14 28.30
CA MET D 231 4.67 -0.08 29.31
C MET D 231 4.73 -1.54 29.75
N TYR D 232 4.35 -1.80 30.98
CA TYR D 232 4.19 -3.16 31.44
C TYR D 232 2.78 -3.30 31.98
N HIS D 233 2.25 -4.52 31.92
CA HIS D 233 0.86 -4.79 32.28
C HIS D 233 0.89 -6.00 33.17
N LEU D 234 0.43 -5.85 34.41
CA LEU D 234 0.40 -6.95 35.36
C LEU D 234 -1.03 -7.48 35.47
N SER D 235 -1.17 -8.78 35.28
CA SER D 235 -2.43 -9.50 35.21
C SER D 235 -2.42 -10.57 36.31
N ARG D 236 -3.44 -10.58 37.16
CA ARG D 236 -3.60 -11.65 38.15
C ARG D 236 -4.57 -12.73 37.68
N GLU D 237 -4.22 -13.98 37.97
CA GLU D 237 -5.02 -15.15 37.62
C GLU D 237 -6.42 -15.15 38.24
N GLU D 242 -6.96 -5.85 34.50
CA GLU D 242 -5.52 -5.81 34.71
C GLU D 242 -5.06 -4.45 35.26
N ARG D 243 -3.75 -4.25 35.29
CA ARG D 243 -3.09 -3.10 35.89
C ARG D 243 -2.02 -2.63 34.91
N ARG D 244 -1.74 -1.32 34.90
CA ARG D 244 -0.83 -0.77 33.88
C ARG D 244 0.08 0.30 34.46
N LEU D 245 1.35 0.30 34.01
CA LEU D 245 2.38 1.23 34.53
C LEU D 245 3.44 1.45 33.45
N PRO D 246 4.08 2.64 33.45
CA PRO D 246 5.12 2.94 32.49
C PRO D 246 6.46 2.36 32.92
N ALA D 247 7.20 1.76 31.98
CA ALA D 247 8.53 1.22 32.32
C ALA D 247 9.52 2.37 32.47
N VAL D 248 10.58 2.16 33.24
CA VAL D 248 11.65 3.18 33.39
C VAL D 248 12.93 2.61 32.81
N ARG D 249 13.74 3.45 32.16
CA ARG D 249 14.94 2.94 31.45
C ARG D 249 15.86 2.22 32.45
N LYS D 250 15.71 2.51 33.74
CA LYS D 250 16.54 1.85 34.76
C LYS D 250 17.98 1.83 34.27
N VAL D 251 18.63 0.67 34.32
CA VAL D 251 20.07 0.61 33.97
C VAL D 251 20.43 -0.81 33.56
N ASN D 252 21.72 -1.08 33.35
CA ASN D 252 22.11 -2.41 32.84
C ASN D 252 21.31 -2.65 31.56
N ARG D 253 20.84 -1.57 30.93
CA ARG D 253 20.09 -1.69 29.66
C ARG D 253 18.83 -2.53 29.90
N THR D 254 18.05 -2.19 30.92
CA THR D 254 16.85 -2.98 31.25
C THR D 254 15.68 -2.03 31.46
N PHE D 255 14.52 -2.36 30.89
CA PHE D 255 13.32 -1.51 31.06
C PHE D 255 12.43 -2.19 32.10
N GLN D 256 12.19 -1.51 33.23
CA GLN D 256 11.46 -2.13 34.31
C GLN D 256 10.24 -1.30 34.72
N ALA D 257 9.32 -1.94 35.47
CA ALA D 257 8.20 -1.27 36.12
C ALA D 257 7.83 -2.01 37.40
N ASP D 258 7.48 -1.24 38.43
CA ASP D 258 7.17 -1.75 39.77
C ASP D 258 5.71 -1.48 40.14
N PHE D 259 4.97 -2.58 40.30
CA PHE D 259 3.52 -2.48 40.64
C PHE D 259 3.31 -2.76 42.12
N PRO D 260 2.82 -1.78 42.90
CA PRO D 260 2.62 -1.97 44.33
C PRO D 260 1.29 -2.67 44.63
N LEU D 261 1.32 -3.69 45.48
CA LEU D 261 0.07 -4.39 45.85
C LEU D 261 -0.19 -4.21 47.36
N HIS D 266 -4.20 -10.14 48.66
CA HIS D 266 -3.97 -11.44 49.35
C HIS D 266 -3.23 -12.40 48.41
N GLY D 267 -2.39 -11.87 47.53
CA GLY D 267 -1.55 -12.72 46.67
C GLY D 267 -2.34 -13.50 45.63
N GLY D 268 -1.66 -14.41 44.93
CA GLY D 268 -2.31 -15.18 43.85
C GLY D 268 -1.33 -15.43 42.72
N THR D 269 -1.84 -15.83 41.56
CA THR D 269 -0.95 -16.13 40.40
C THR D 269 -0.85 -14.88 39.53
N TYR D 270 0.37 -14.41 39.30
CA TYR D 270 0.55 -13.16 38.55
C TYR D 270 1.45 -13.40 37.33
N ARG D 271 1.11 -12.72 36.24
CA ARG D 271 1.96 -12.58 35.06
C ARG D 271 2.04 -11.12 34.64
N CYS D 272 3.04 -10.80 33.81
CA CYS D 272 3.11 -9.46 33.23
C CYS D 272 3.59 -9.55 31.79
N PHE D 273 3.25 -8.49 31.07
CA PHE D 273 3.36 -8.43 29.63
C PHE D 273 3.97 -7.09 29.31
N GLY D 274 4.84 -7.05 28.30
CA GLY D 274 5.33 -5.78 27.80
C GLY D 274 4.47 -5.21 26.69
N SER D 275 4.50 -3.87 26.54
CA SER D 275 3.72 -3.20 25.51
C SER D 275 4.47 -1.95 25.07
N PHE D 276 4.23 -1.55 23.83
CA PHE D 276 4.90 -0.45 23.17
C PHE D 276 3.97 0.74 22.98
N ARG D 277 4.60 1.90 22.84
CA ARG D 277 3.88 3.15 22.63
C ARG D 277 3.03 3.06 21.37
N HIS D 278 1.84 3.65 21.46
CA HIS D 278 0.84 3.76 20.41
C HIS D 278 0.22 2.43 20.00
N SER D 279 0.42 1.37 20.80
CA SER D 279 -0.11 0.05 20.49
C SER D 279 -0.59 -0.58 21.79
N PRO D 280 -1.66 -0.04 22.37
CA PRO D 280 -2.06 -0.48 23.71
C PRO D 280 -2.69 -1.85 23.73
N TYR D 281 -3.05 -2.41 22.58
CA TYR D 281 -3.77 -3.67 22.54
C TYR D 281 -2.90 -4.81 22.02
N GLU D 282 -1.59 -4.63 21.96
CA GLU D 282 -0.72 -5.72 21.55
C GLU D 282 0.39 -5.81 22.58
N TRP D 283 0.50 -7.00 23.17
CA TRP D 283 1.40 -7.30 24.26
C TRP D 283 2.33 -8.44 23.85
N SER D 284 3.41 -8.57 24.60
CA SER D 284 4.37 -9.65 24.46
C SER D 284 3.73 -10.99 24.86
N ASP D 285 4.48 -12.07 24.62
CA ASP D 285 4.17 -13.32 25.32
C ASP D 285 4.13 -13.05 26.82
N PRO D 286 3.32 -13.79 27.57
CA PRO D 286 3.30 -13.59 29.02
C PRO D 286 4.63 -13.99 29.63
N SER D 287 5.02 -13.24 30.66
CA SER D 287 6.07 -13.74 31.52
C SER D 287 5.67 -15.10 32.08
N ASP D 288 6.66 -15.79 32.65
CA ASP D 288 6.37 -17.01 33.36
C ASP D 288 5.53 -16.67 34.58
N PRO D 289 4.67 -17.58 35.01
CA PRO D 289 3.79 -17.28 36.14
C PRO D 289 4.60 -17.11 37.40
N LEU D 290 4.14 -16.22 38.28
CA LEU D 290 4.75 -16.11 39.59
C LEU D 290 3.67 -16.17 40.66
N LEU D 291 3.91 -16.96 41.71
CA LEU D 291 2.92 -17.16 42.76
C LEU D 291 3.32 -16.40 44.03
N VAL D 292 2.46 -15.45 44.41
CA VAL D 292 2.50 -14.76 45.71
C VAL D 292 1.52 -15.45 46.66
N SER D 293 2.00 -15.90 47.82
CA SER D 293 1.17 -16.66 48.75
C SER D 293 0.92 -15.93 50.10
C1 NAG E . -27.79 -2.68 1.82
C2 NAG E . -27.85 -4.15 2.23
C3 NAG E . -27.03 -5.01 1.26
C4 NAG E . -27.59 -4.82 -0.15
C5 NAG E . -27.51 -3.34 -0.54
C6 NAG E . -28.11 -3.06 -1.90
C7 NAG E . -26.23 -4.28 4.12
C8 NAG E . -26.08 -4.62 5.57
N2 NAG E . -27.46 -4.40 3.61
O3 NAG E . -27.04 -6.37 1.65
O4 NAG E . -26.85 -5.60 -1.09
O5 NAG E . -28.22 -2.55 0.41
O6 NAG E . -28.98 -1.94 -1.87
O7 NAG E . -25.26 -3.90 3.44
C1 NAG F . -21.32 -20.15 22.52
C2 NAG F . -22.23 -21.40 22.58
C3 NAG F . -22.19 -22.02 23.98
C4 NAG F . -20.75 -22.26 24.44
C5 NAG F . -19.95 -20.96 24.33
C6 NAG F . -18.49 -21.14 24.67
C7 NAG F . -24.40 -21.98 21.60
C8 NAG F . -25.79 -21.50 21.26
N2 NAG F . -23.60 -21.08 22.19
O3 NAG F . -22.99 -23.20 24.09
O4 NAG F . -20.71 -22.73 25.78
O5 NAG F . -20.00 -20.50 22.97
O6 NAG F . -18.04 -20.16 25.59
O7 NAG F . -24.02 -23.13 21.34
#